data_8F69
#
_entry.id   8F69
#
_cell.length_a   88.027
_cell.length_b   88.027
_cell.length_c   343.170
_cell.angle_alpha   90.000
_cell.angle_beta   90.000
_cell.angle_gamma   90.000
#
_symmetry.space_group_name_H-M   'P 41 21 2'
#
loop_
_entity.id
_entity.type
_entity.pdbx_description
1 polymer 'DNA polymerase subunit gamma-2, mitochondrial'
2 polymer "DNA (5'-D(*CP*TP*GP*GP*TP*AP*GP*GP*CP*GP*CP*CP*TP*AP*CP*CP*AP*G)-3')"
3 non-polymer 1,2-ETHANEDIOL
4 non-polymer (4S)-2-METHYL-2,4-PENTANEDIOL
5 non-polymer '2-(N-MORPHOLINO)-ETHANESULFONIC ACID'
6 water water
#
loop_
_entity_poly.entity_id
_entity_poly.type
_entity_poly.pdbx_seq_one_letter_code
_entity_poly.pdbx_strand_id
1 'polypeptide(L)'
;SNGEHAVAREALVDLCRRRHFLSGTPQQLSTAALLSGCHARFGPLGVELRKNLASQWWSSMVVFREQVFAVDSLHQEPGS
SQPRDSAFRLVSPESIREILQDREPSKEQLVAFLENLLKTSGKLRATLLHGALEHYVNCLDLVNRKLPFGLAQIGVCFHP
VSNSNQTPSSVTRVGEKTEASLVWFTPTRTSSQWLDFWLRHRLLWWRKFAMSPSNFSSADCQDELGRKGSKLYYSFPWGK
EPIETLWNLGDQELLHTYPGNVSTIQGRDGRKNVVPCVLSVSGDVDLGTLAYLYDSFQLAENSFARKKSLQRKVLKLHPC
LAPIKVALDVGKGPTVELRQVCQGLLNELLENGISVWPGYSETVHSSLEQLHSKYDEMSVLFSVLVTETTLENGLIQLRS
RDTTMKEMMHISKLRDFLVKYLASASNV
;
B,A
2 'polydeoxyribonucleotide' (DC)(DT)(DG)(DG)(DT)(DA)(DG)(DG)(DC)(DG)(DC)(DC)(DT)(DA)(DC)(DC)(DA)(DG) C,D
#
loop_
_chem_comp.id
_chem_comp.type
_chem_comp.name
_chem_comp.formula
DA DNA linking 2'-DEOXYADENOSINE-5'-MONOPHOSPHATE 'C10 H14 N5 O6 P'
DC DNA linking 2'-DEOXYCYTIDINE-5'-MONOPHOSPHATE 'C9 H14 N3 O7 P'
DG DNA linking 2'-DEOXYGUANOSINE-5'-MONOPHOSPHATE 'C10 H14 N5 O7 P'
DT DNA linking THYMIDINE-5'-MONOPHOSPHATE 'C10 H15 N2 O8 P'
EDO non-polymer 1,2-ETHANEDIOL 'C2 H6 O2'
MES non-polymer '2-(N-MORPHOLINO)-ETHANESULFONIC ACID' 'C6 H13 N O4 S'
MPD non-polymer (4S)-2-METHYL-2,4-PENTANEDIOL 'C6 H14 O2'
#
# COMPACT_ATOMS: atom_id res chain seq x y z
N GLU A 10 18.90 -1.98 25.87
CA GLU A 10 19.42 -1.56 24.57
C GLU A 10 19.06 -0.10 24.29
N ALA A 11 20.09 0.74 24.11
CA ALA A 11 19.86 2.15 23.82
C ALA A 11 19.27 2.37 22.43
N LEU A 12 19.28 1.35 21.56
CA LEU A 12 18.82 1.56 20.20
C LEU A 12 17.30 1.69 20.14
N VAL A 13 16.57 0.78 20.79
CA VAL A 13 15.12 0.89 20.83
C VAL A 13 14.71 2.18 21.53
N ASP A 14 15.44 2.56 22.59
CA ASP A 14 15.19 3.85 23.22
C ASP A 14 15.35 4.99 22.22
N LEU A 15 16.42 4.96 21.43
CA LEU A 15 16.64 5.99 20.43
C LEU A 15 15.52 6.02 19.39
N CYS A 16 15.10 4.84 18.92
CA CYS A 16 14.04 4.79 17.93
C CYS A 16 12.72 5.30 18.48
N ARG A 17 12.49 5.11 19.79
CA ARG A 17 11.28 5.62 20.42
C ARG A 17 11.33 7.13 20.55
N ARG A 18 12.46 7.68 21.02
CA ARG A 18 12.59 9.12 21.17
C ARG A 18 12.45 9.85 19.83
N ARG A 19 12.94 9.24 18.75
CA ARG A 19 12.91 9.86 17.43
C ARG A 19 11.74 9.36 16.59
N HIS A 20 10.85 8.57 17.17
CA HIS A 20 9.56 8.18 16.59
C HIS A 20 9.70 7.26 15.38
N PHE A 21 10.79 6.48 15.34
CA PHE A 21 10.80 5.31 14.47
C PHE A 21 9.88 4.22 15.01
N LEU A 22 9.96 3.96 16.32
CA LEU A 22 9.10 3.00 16.99
C LEU A 22 8.09 3.72 17.86
N SER A 23 7.00 3.03 18.16
CA SER A 23 5.96 3.50 19.05
C SER A 23 5.75 2.48 20.16
N GLY A 24 5.17 2.93 21.27
CA GLY A 24 4.78 2.00 22.31
C GLY A 24 5.31 2.29 23.70
N THR A 25 4.67 1.67 24.70
CA THR A 25 5.10 1.76 26.07
C THR A 25 6.41 0.99 26.26
N PRO A 26 7.11 1.17 27.37
CA PRO A 26 8.37 0.44 27.56
C PRO A 26 8.20 -1.08 27.53
N GLN A 27 7.07 -1.61 27.99
CA GLN A 27 6.89 -3.06 27.98
C GLN A 27 6.72 -3.59 26.56
N GLN A 28 5.95 -2.90 25.71
CA GLN A 28 5.80 -3.38 24.34
C GLN A 28 7.01 -3.06 23.47
N LEU A 29 8.03 -2.40 24.01
CA LEU A 29 9.28 -2.18 23.29
C LEU A 29 10.33 -3.27 23.54
N SER A 30 9.99 -4.30 24.32
CA SER A 30 10.93 -5.40 24.53
C SER A 30 11.07 -6.22 23.26
N THR A 31 12.11 -7.05 23.23
CA THR A 31 12.40 -7.85 22.04
C THR A 31 11.27 -8.81 21.73
N ALA A 32 10.74 -9.49 22.75
CA ALA A 32 9.64 -10.42 22.52
C ALA A 32 8.40 -9.70 22.00
N ALA A 33 8.15 -8.48 22.46
CA ALA A 33 6.97 -7.76 22.01
C ALA A 33 7.13 -7.27 20.57
N LEU A 34 8.31 -6.77 20.23
CA LEU A 34 8.55 -6.34 18.85
C LEU A 34 8.44 -7.51 17.87
N LEU A 35 8.95 -8.68 18.25
CA LEU A 35 8.92 -9.82 17.33
C LEU A 35 7.52 -10.40 17.19
N SER A 36 6.70 -10.30 18.23
CA SER A 36 5.38 -10.90 18.18
C SER A 36 4.47 -10.17 17.19
N GLY A 37 4.57 -8.85 17.15
CA GLY A 37 3.68 -8.07 16.31
C GLY A 37 2.29 -7.87 16.87
N CYS A 38 2.14 -7.89 18.19
CA CYS A 38 0.83 -7.72 18.82
C CYS A 38 0.43 -6.26 18.98
N HIS A 39 1.35 -5.32 18.81
CA HIS A 39 1.01 -3.91 18.77
C HIS A 39 1.56 -3.30 17.49
N ALA A 40 0.96 -2.18 17.09
CA ALA A 40 1.48 -1.39 15.99
C ALA A 40 2.79 -0.74 16.43
N ARG A 41 3.90 -1.20 15.86
CA ARG A 41 5.22 -0.91 16.42
C ARG A 41 5.83 0.41 15.96
N PHE A 42 5.34 1.02 14.90
CA PHE A 42 6.09 2.07 14.24
C PHE A 42 5.48 3.44 14.51
N GLY A 43 6.35 4.41 14.82
CA GLY A 43 5.96 5.80 14.77
C GLY A 43 6.06 6.33 13.36
N PRO A 44 5.76 7.62 13.20
CA PRO A 44 5.73 8.19 11.84
C PRO A 44 7.00 7.97 11.04
N LEU A 45 8.18 8.07 11.66
CA LEU A 45 9.41 7.85 10.90
C LEU A 45 9.56 6.38 10.50
N GLY A 46 9.19 5.47 11.39
CA GLY A 46 9.28 4.05 11.06
C GLY A 46 8.27 3.62 10.01
N VAL A 47 7.09 4.26 10.00
CA VAL A 47 6.09 3.97 8.98
C VAL A 47 6.60 4.39 7.60
N GLU A 48 7.31 5.52 7.54
CA GLU A 48 7.87 5.97 6.26
C GLU A 48 9.04 5.09 5.83
N LEU A 49 9.88 4.70 6.79
CA LEU A 49 10.97 3.77 6.48
C LEU A 49 10.42 2.45 5.94
N ARG A 50 9.43 1.89 6.63
CA ARG A 50 8.79 0.66 6.13
C ARG A 50 8.19 0.88 4.75
N LYS A 51 7.63 2.07 4.51
CA LYS A 51 7.05 2.35 3.20
C LYS A 51 8.14 2.43 2.13
N ASN A 52 9.27 3.06 2.44
CA ASN A 52 10.39 3.05 1.51
C ASN A 52 10.86 1.63 1.24
N LEU A 53 10.94 0.79 2.28
CA LEU A 53 11.36 -0.60 2.08
C LEU A 53 10.38 -1.33 1.16
N ALA A 54 9.08 -1.13 1.39
CA ALA A 54 8.06 -1.77 0.56
C ALA A 54 8.14 -1.33 -0.89
N SER A 55 8.32 -0.02 -1.13
CA SER A 55 8.46 0.47 -2.50
C SER A 55 9.69 -0.15 -3.16
N GLN A 56 10.80 -0.23 -2.42
CA GLN A 56 11.99 -0.86 -3.01
C GLN A 56 11.72 -2.31 -3.34
N TRP A 57 10.92 -3.00 -2.51
CA TRP A 57 10.55 -4.37 -2.83
C TRP A 57 9.71 -4.41 -4.09
N TRP A 58 8.69 -3.55 -4.17
CA TRP A 58 7.81 -3.54 -5.34
C TRP A 58 8.57 -3.20 -6.61
N SER A 59 9.55 -2.31 -6.50
CA SER A 59 10.33 -1.92 -7.66
C SER A 59 11.13 -3.10 -8.19
N SER A 60 11.82 -3.83 -7.31
CA SER A 60 12.70 -4.90 -7.76
C SER A 60 11.98 -6.23 -7.96
N MET A 61 10.74 -6.39 -7.47
CA MET A 61 10.02 -7.64 -7.61
C MET A 61 8.89 -7.62 -8.65
N VAL A 62 8.32 -6.46 -8.99
CA VAL A 62 7.22 -6.45 -9.94
C VAL A 62 7.45 -5.43 -11.06
N VAL A 63 7.98 -4.25 -10.72
CA VAL A 63 8.16 -3.21 -11.73
C VAL A 63 9.19 -3.64 -12.76
N PHE A 64 10.34 -4.13 -12.32
CA PHE A 64 11.44 -4.48 -13.22
C PHE A 64 11.48 -5.97 -13.57
N ARG A 65 10.58 -6.78 -13.02
CA ARG A 65 10.59 -8.21 -13.30
C ARG A 65 9.66 -8.55 -14.43
N GLU A 66 10.03 -9.58 -15.19
CA GLU A 66 9.30 -9.98 -16.38
C GLU A 66 8.06 -10.78 -15.99
N GLN A 67 6.89 -10.27 -16.37
CA GLN A 67 5.63 -10.99 -16.21
C GLN A 67 5.27 -11.20 -14.74
N VAL A 68 5.52 -10.20 -13.90
CA VAL A 68 5.02 -10.18 -12.53
C VAL A 68 3.90 -9.15 -12.46
N PHE A 69 2.74 -9.57 -11.95
CA PHE A 69 1.54 -8.73 -11.90
C PHE A 69 1.03 -8.63 -10.47
N ALA A 70 0.45 -7.49 -10.15
CA ALA A 70 -0.12 -7.29 -8.82
C ALA A 70 -1.42 -8.06 -8.69
N VAL A 71 -1.66 -8.59 -7.50
CA VAL A 71 -2.87 -9.34 -7.21
C VAL A 71 -3.54 -8.73 -5.98
N ASP A 72 -4.87 -8.76 -5.96
CA ASP A 72 -5.66 -8.25 -4.85
C ASP A 72 -6.42 -9.41 -4.22
N SER A 73 -6.38 -9.51 -2.90
CA SER A 73 -7.09 -10.57 -2.22
C SER A 73 -7.58 -10.07 -0.87
N LEU A 74 -8.67 -10.66 -0.39
CA LEU A 74 -9.26 -10.25 0.87
C LEU A 74 -8.40 -10.72 2.05
N HIS A 75 -8.57 -10.02 3.18
CA HIS A 75 -8.01 -10.50 4.43
C HIS A 75 -8.74 -11.72 4.96
N GLN A 76 -9.99 -11.93 4.55
CA GLN A 76 -10.78 -13.08 4.96
C GLN A 76 -10.62 -14.20 3.94
N GLU A 77 -10.54 -15.43 4.44
CA GLU A 77 -10.52 -16.62 3.61
C GLU A 77 -11.60 -17.59 4.04
N PRO A 78 -12.10 -18.42 3.13
CA PRO A 78 -13.12 -19.40 3.52
C PRO A 78 -12.58 -20.39 4.55
N GLY A 79 -13.44 -20.75 5.51
CA GLY A 79 -13.04 -21.64 6.57
C GLY A 79 -13.25 -23.11 6.21
N SER A 80 -12.48 -23.97 6.89
CA SER A 80 -12.54 -25.40 6.65
C SER A 80 -12.32 -26.13 7.97
N SER A 81 -12.75 -27.39 8.01
CA SER A 81 -12.58 -28.21 9.19
C SER A 81 -11.19 -28.87 9.28
N GLN A 82 -10.19 -28.30 8.62
CA GLN A 82 -8.85 -28.87 8.68
C GLN A 82 -8.30 -28.76 10.10
N PRO A 83 -7.79 -29.86 10.68
CA PRO A 83 -7.42 -29.83 12.11
C PRO A 83 -6.10 -29.12 12.39
N ARG A 84 -5.19 -29.05 11.41
CA ARG A 84 -3.89 -28.42 11.62
C ARG A 84 -3.89 -26.95 11.23
N ASP A 85 -5.04 -26.28 11.31
CA ASP A 85 -5.18 -24.89 10.89
C ASP A 85 -5.44 -24.03 12.13
N SER A 86 -4.45 -23.26 12.55
CA SER A 86 -4.54 -22.43 13.74
C SER A 86 -5.00 -21.01 13.44
N ALA A 87 -5.22 -20.67 12.17
CA ALA A 87 -5.59 -19.30 11.82
C ALA A 87 -6.89 -18.90 12.49
N PHE A 88 -6.94 -17.66 12.96
CA PHE A 88 -8.09 -17.15 13.70
C PHE A 88 -9.36 -17.21 12.87
N ARG A 89 -10.47 -17.47 13.55
CA ARG A 89 -11.79 -17.48 12.92
C ARG A 89 -12.53 -16.20 13.24
N LEU A 90 -13.41 -15.81 12.33
CA LEU A 90 -14.23 -14.61 12.45
C LEU A 90 -15.66 -15.01 12.76
N VAL A 91 -16.20 -14.47 13.85
CA VAL A 91 -17.47 -14.92 14.41
C VAL A 91 -18.36 -13.71 14.67
N SER A 92 -19.62 -13.84 14.27
CA SER A 92 -20.58 -12.78 14.52
C SER A 92 -20.92 -12.71 16.00
N PRO A 93 -20.78 -11.56 16.64
CA PRO A 93 -21.21 -11.45 18.05
C PRO A 93 -22.70 -11.68 18.23
N GLU A 94 -23.50 -11.43 17.19
CA GLU A 94 -24.93 -11.67 17.32
C GLU A 94 -25.25 -13.15 17.35
N SER A 95 -24.50 -13.97 16.59
CA SER A 95 -24.74 -15.42 16.65
C SER A 95 -24.47 -15.95 18.05
N ILE A 96 -23.45 -15.41 18.73
CA ILE A 96 -23.16 -15.86 20.09
C ILE A 96 -24.26 -15.41 21.04
N ARG A 97 -24.71 -14.16 20.89
CA ARG A 97 -25.81 -13.68 21.72
C ARG A 97 -27.06 -14.52 21.52
N GLU A 98 -27.35 -14.88 20.27
CA GLU A 98 -28.55 -15.68 20.00
C GLU A 98 -28.49 -17.02 20.70
N ILE A 99 -27.35 -17.73 20.60
CA ILE A 99 -27.29 -19.06 21.21
C ILE A 99 -27.34 -18.97 22.74
N LEU A 100 -26.82 -17.88 23.31
CA LEU A 100 -26.85 -17.69 24.75
C LEU A 100 -28.17 -17.10 25.25
N GLN A 101 -28.80 -16.19 24.50
CA GLN A 101 -29.86 -15.38 25.06
C GLN A 101 -31.26 -15.67 24.55
N ASP A 102 -31.40 -16.28 23.37
CA ASP A 102 -32.74 -16.46 22.78
C ASP A 102 -33.58 -17.41 23.62
N ARG A 103 -33.01 -18.56 23.98
CA ARG A 103 -33.68 -19.51 24.86
C ARG A 103 -32.60 -20.17 25.72
N GLU A 104 -33.03 -21.02 26.63
CA GLU A 104 -32.09 -21.73 27.48
C GLU A 104 -31.37 -22.81 26.68
N PRO A 105 -30.09 -22.66 26.38
CA PRO A 105 -29.42 -23.62 25.50
C PRO A 105 -29.04 -24.90 26.23
N SER A 106 -29.26 -26.02 25.55
CA SER A 106 -28.77 -27.29 26.08
C SER A 106 -27.27 -27.45 25.76
N LYS A 107 -26.66 -28.39 26.47
CA LYS A 107 -25.27 -28.74 26.19
C LYS A 107 -25.08 -29.12 24.73
N GLU A 108 -26.00 -29.91 24.18
CA GLU A 108 -25.86 -30.41 22.82
C GLU A 108 -25.92 -29.29 21.79
N GLN A 109 -26.84 -28.33 21.98
CA GLN A 109 -26.94 -27.22 21.05
C GLN A 109 -25.71 -26.32 21.10
N LEU A 110 -25.10 -26.18 22.28
CA LEU A 110 -23.86 -25.42 22.38
C LEU A 110 -22.72 -26.13 21.67
N VAL A 111 -22.60 -27.45 21.85
CA VAL A 111 -21.61 -28.23 21.10
C VAL A 111 -21.84 -28.09 19.61
N ALA A 112 -23.09 -28.27 19.17
CA ALA A 112 -23.42 -28.09 17.75
C ALA A 112 -23.06 -26.69 17.26
N PHE A 113 -23.31 -25.68 18.10
CA PHE A 113 -22.94 -24.31 17.71
C PHE A 113 -21.44 -24.20 17.49
N LEU A 114 -20.64 -24.68 18.45
CA LEU A 114 -19.19 -24.57 18.34
C LEU A 114 -18.65 -25.38 17.17
N GLU A 115 -19.14 -26.62 17.00
CA GLU A 115 -18.71 -27.42 15.86
C GLU A 115 -19.01 -26.71 14.55
N ASN A 116 -20.24 -26.23 14.38
CA ASN A 116 -20.58 -25.50 13.16
C ASN A 116 -19.69 -24.28 12.98
N LEU A 117 -19.26 -23.67 14.07
CA LEU A 117 -18.35 -22.54 13.99
C LEU A 117 -17.02 -22.96 13.37
N LEU A 118 -16.42 -24.04 13.89
CA LEU A 118 -15.15 -24.52 13.35
C LEU A 118 -15.27 -24.95 11.89
N LYS A 119 -16.44 -25.45 11.50
CA LYS A 119 -16.56 -26.00 10.15
C LYS A 119 -16.85 -24.92 9.11
N THR A 120 -17.56 -23.85 9.49
CA THR A 120 -18.12 -22.94 8.51
C THR A 120 -17.62 -21.50 8.59
N SER A 121 -17.13 -21.04 9.74
CA SER A 121 -16.78 -19.64 9.87
C SER A 121 -15.54 -19.31 9.05
N GLY A 122 -15.51 -18.08 8.52
CA GLY A 122 -14.35 -17.63 7.79
C GLY A 122 -13.14 -17.42 8.69
N LYS A 123 -11.97 -17.30 8.08
CA LYS A 123 -10.72 -17.17 8.82
C LYS A 123 -9.88 -16.04 8.25
N LEU A 124 -9.03 -15.48 9.12
CA LEU A 124 -8.08 -14.46 8.70
C LEU A 124 -6.84 -15.12 8.09
N ARG A 125 -6.41 -14.60 6.94
CA ARG A 125 -5.27 -15.20 6.26
C ARG A 125 -4.03 -15.17 7.15
N ALA A 126 -3.26 -16.25 7.07
CA ALA A 126 -1.95 -16.29 7.69
C ALA A 126 -0.84 -16.07 6.68
N THR A 127 -1.11 -16.31 5.40
CA THR A 127 -0.18 -16.04 4.32
C THR A 127 -0.95 -15.47 3.14
N LEU A 128 -0.20 -14.87 2.21
CA LEU A 128 -0.77 -14.33 0.99
C LEU A 128 -0.88 -15.36 -0.12
N LEU A 129 -0.52 -16.63 0.16
CA LEU A 129 -0.42 -17.64 -0.90
C LEU A 129 -1.78 -17.95 -1.52
N HIS A 130 -2.79 -18.20 -0.68
CA HIS A 130 -4.11 -18.57 -1.17
CA HIS A 130 -4.09 -18.59 -1.20
C HIS A 130 -4.69 -17.49 -2.08
N GLY A 131 -4.47 -16.23 -1.75
CA GLY A 131 -4.94 -15.17 -2.60
C GLY A 131 -4.30 -15.18 -3.97
N ALA A 132 -3.02 -15.56 -4.05
CA ALA A 132 -2.36 -15.66 -5.34
C ALA A 132 -2.88 -16.85 -6.13
N LEU A 133 -3.13 -17.96 -5.45
CA LEU A 133 -3.62 -19.15 -6.14
C LEU A 133 -5.01 -18.94 -6.71
N GLU A 134 -5.89 -18.27 -5.97
CA GLU A 134 -7.26 -18.09 -6.44
CA GLU A 134 -7.26 -18.11 -6.45
C GLU A 134 -7.35 -17.15 -7.64
N HIS A 135 -6.32 -16.34 -7.88
CA HIS A 135 -6.31 -15.47 -9.05
C HIS A 135 -5.47 -16.02 -10.20
N TYR A 136 -5.02 -17.27 -10.10
CA TYR A 136 -4.10 -17.83 -11.09
C TYR A 136 -4.77 -17.96 -12.46
N VAL A 137 -5.97 -18.53 -12.50
CA VAL A 137 -6.64 -18.75 -13.78
C VAL A 137 -6.94 -17.43 -14.46
N ASN A 138 -7.37 -16.42 -13.69
CA ASN A 138 -7.68 -15.12 -14.26
C ASN A 138 -6.45 -14.51 -14.94
N CYS A 139 -5.32 -14.46 -14.23
CA CYS A 139 -4.11 -13.86 -14.77
CA CYS A 139 -4.13 -13.84 -14.79
C CYS A 139 -3.50 -14.69 -15.89
N LEU A 140 -3.77 -16.00 -15.91
CA LEU A 140 -3.29 -16.84 -17.00
C LEU A 140 -3.84 -16.36 -18.33
N ASP A 141 -5.11 -15.94 -18.35
CA ASP A 141 -5.69 -15.35 -19.55
C ASP A 141 -5.00 -14.05 -19.92
N LEU A 142 -4.60 -13.27 -18.92
CA LEU A 142 -3.96 -11.99 -19.18
C LEU A 142 -2.63 -12.15 -19.93
N VAL A 143 -1.80 -13.11 -19.52
CA VAL A 143 -0.49 -13.31 -20.13
C VAL A 143 -0.61 -14.23 -21.35
N ASN A 144 -1.84 -14.51 -21.78
CA ASN A 144 -2.09 -15.42 -22.90
C ASN A 144 -1.47 -16.79 -22.64
N ARG A 145 -1.52 -17.23 -21.39
CA ARG A 145 -1.09 -18.56 -20.95
C ARG A 145 0.43 -18.75 -21.03
N LYS A 146 1.20 -17.67 -21.18
CA LYS A 146 2.64 -17.78 -21.32
C LYS A 146 3.27 -17.91 -19.93
N LEU A 147 3.87 -19.07 -19.65
CA LEU A 147 4.68 -19.41 -18.48
C LEU A 147 6.15 -19.11 -18.75
N PRO A 148 6.89 -18.61 -17.75
CA PRO A 148 6.44 -18.36 -16.38
C PRO A 148 5.88 -16.97 -16.15
N PHE A 149 5.14 -16.78 -15.05
CA PHE A 149 4.67 -15.47 -14.65
C PHE A 149 4.45 -15.47 -13.14
N GLY A 150 4.31 -14.27 -12.59
CA GLY A 150 4.27 -14.10 -11.16
C GLY A 150 3.11 -13.24 -10.70
N LEU A 151 2.61 -13.55 -9.51
CA LEU A 151 1.57 -12.79 -8.84
C LEU A 151 2.12 -12.29 -7.51
N ALA A 152 1.98 -10.98 -7.28
CA ALA A 152 2.66 -10.31 -6.18
C ALA A 152 1.68 -9.48 -5.38
N GLN A 153 1.90 -9.44 -4.07
CA GLN A 153 1.05 -8.68 -3.17
C GLN A 153 1.85 -8.36 -1.92
N ILE A 154 1.59 -7.18 -1.36
CA ILE A 154 2.06 -6.79 -0.04
C ILE A 154 0.82 -6.53 0.82
N GLY A 155 0.78 -7.12 2.02
CA GLY A 155 -0.41 -7.01 2.84
C GLY A 155 -0.19 -7.62 4.20
N VAL A 156 -1.05 -7.24 5.15
CA VAL A 156 -0.96 -7.70 6.52
C VAL A 156 -1.54 -9.11 6.64
N CYS A 157 -0.85 -9.96 7.39
CA CYS A 157 -1.31 -11.30 7.72
C CYS A 157 -1.33 -11.48 9.23
N PHE A 158 -2.06 -12.49 9.67
CA PHE A 158 -2.41 -12.66 11.07
C PHE A 158 -1.91 -14.01 11.58
N HIS A 159 -1.21 -14.00 12.71
CA HIS A 159 -0.53 -15.18 13.23
C HIS A 159 -0.92 -15.39 14.68
N PRO A 160 -1.25 -16.62 15.08
CA PRO A 160 -1.41 -16.90 16.51
C PRO A 160 -0.09 -16.70 17.26
N VAL A 161 -0.18 -16.06 18.42
CA VAL A 161 0.97 -15.77 19.26
C VAL A 161 0.84 -16.56 20.55
N SER A 162 1.96 -17.14 21.01
CA SER A 162 1.99 -17.91 22.26
C SER A 162 1.43 -17.14 23.45
N VAL A 171 -5.59 -16.95 27.72
CA VAL A 171 -5.74 -15.95 26.68
C VAL A 171 -4.65 -16.11 25.63
N THR A 172 -5.00 -15.88 24.36
CA THR A 172 -4.06 -15.98 23.25
C THR A 172 -4.28 -14.82 22.30
N ARG A 173 -3.20 -14.09 22.02
CA ARG A 173 -3.28 -12.82 21.31
C ARG A 173 -3.08 -13.02 19.80
N VAL A 174 -3.22 -11.93 19.04
CA VAL A 174 -3.16 -11.97 17.59
C VAL A 174 -2.01 -11.10 17.13
N GLY A 175 -1.11 -11.66 16.35
CA GLY A 175 0.03 -10.93 15.80
C GLY A 175 -0.27 -10.52 14.38
N GLU A 176 0.14 -9.31 14.00
CA GLU A 176 -0.04 -8.79 12.66
C GLU A 176 1.30 -8.46 12.04
N LYS A 177 1.52 -8.92 10.81
CA LYS A 177 2.79 -8.71 10.13
C LYS A 177 2.58 -8.36 8.67
N THR A 178 3.33 -7.37 8.18
CA THR A 178 3.27 -7.00 6.77
C THR A 178 4.12 -7.98 5.99
N GLU A 179 3.48 -8.75 5.11
CA GLU A 179 4.13 -9.74 4.27
C GLU A 179 4.22 -9.22 2.84
N ALA A 180 5.38 -9.40 2.23
CA ALA A 180 5.60 -9.08 0.81
C ALA A 180 5.77 -10.42 0.09
N SER A 181 4.82 -10.76 -0.77
CA SER A 181 4.73 -12.09 -1.33
C SER A 181 4.88 -12.06 -2.85
N LEU A 182 5.64 -13.01 -3.38
CA LEU A 182 5.66 -13.29 -4.81
C LEU A 182 5.40 -14.77 -4.98
N VAL A 183 4.37 -15.10 -5.75
CA VAL A 183 4.05 -16.48 -6.09
C VAL A 183 4.35 -16.66 -7.57
N TRP A 184 5.27 -17.57 -7.86
CA TRP A 184 5.88 -17.70 -9.17
C TRP A 184 5.44 -19.01 -9.79
N PHE A 185 4.79 -18.93 -10.96
CA PHE A 185 4.31 -20.10 -11.66
C PHE A 185 5.27 -20.42 -12.80
N THR A 186 5.84 -21.62 -12.79
CA THR A 186 6.89 -21.98 -13.73
C THR A 186 6.76 -23.46 -14.07
N PRO A 187 7.12 -23.86 -15.30
CA PRO A 187 7.05 -25.28 -15.64
C PRO A 187 7.88 -26.11 -14.67
N THR A 188 7.34 -27.27 -14.30
CA THR A 188 7.95 -28.11 -13.28
C THR A 188 9.38 -28.54 -13.64
N ARG A 189 9.83 -28.26 -14.86
CA ARG A 189 11.20 -28.59 -15.27
C ARG A 189 12.20 -27.48 -14.99
N THR A 190 11.74 -26.24 -14.78
CA THR A 190 12.64 -25.13 -14.48
C THR A 190 12.50 -24.68 -13.03
N SER A 191 11.91 -25.52 -12.17
CA SER A 191 11.58 -25.12 -10.82
C SER A 191 12.82 -24.70 -10.04
N SER A 192 13.80 -25.60 -9.96
CA SER A 192 14.99 -25.35 -9.16
C SER A 192 15.81 -24.19 -9.72
N GLN A 193 15.87 -24.08 -11.05
CA GLN A 193 16.60 -22.97 -11.65
C GLN A 193 15.99 -21.63 -11.26
N TRP A 194 14.67 -21.57 -11.17
CA TRP A 194 14.02 -20.33 -10.76
C TRP A 194 14.13 -20.09 -9.27
N LEU A 195 13.93 -21.14 -8.47
CA LEU A 195 14.07 -21.01 -7.02
C LEU A 195 15.45 -20.46 -6.66
N ASP A 196 16.49 -20.93 -7.33
CA ASP A 196 17.83 -20.45 -7.04
C ASP A 196 18.01 -19.00 -7.49
N PHE A 197 17.42 -18.64 -8.64
CA PHE A 197 17.50 -17.25 -9.09
C PHE A 197 16.86 -16.31 -8.08
N TRP A 198 15.66 -16.65 -7.60
CA TRP A 198 14.98 -15.77 -6.65
C TRP A 198 15.76 -15.66 -5.35
N LEU A 199 16.34 -16.76 -4.87
CA LEU A 199 17.08 -16.73 -3.63
C LEU A 199 18.25 -15.75 -3.72
N ARG A 200 19.07 -15.88 -4.77
CA ARG A 200 20.17 -14.94 -4.97
C ARG A 200 19.64 -13.53 -5.12
N HIS A 201 18.57 -13.34 -5.89
CA HIS A 201 18.03 -12.00 -6.08
C HIS A 201 17.56 -11.40 -4.77
N ARG A 202 16.94 -12.22 -3.90
CA ARG A 202 16.42 -11.67 -2.64
C ARG A 202 17.55 -11.35 -1.67
N LEU A 203 18.56 -12.22 -1.58
CA LEU A 203 19.66 -11.96 -0.66
C LEU A 203 20.44 -10.71 -1.09
N LEU A 204 20.73 -10.59 -2.38
CA LEU A 204 21.32 -9.36 -2.89
C LEU A 204 20.44 -8.16 -2.59
N TRP A 205 19.11 -8.33 -2.67
CA TRP A 205 18.21 -7.21 -2.41
C TRP A 205 18.37 -6.72 -0.97
N TRP A 206 18.31 -7.64 0.01
CA TRP A 206 18.50 -7.25 1.40
C TRP A 206 19.85 -6.60 1.63
N ARG A 207 20.89 -7.06 0.92
CA ARG A 207 22.23 -6.58 1.22
C ARG A 207 22.55 -5.23 0.58
N LYS A 208 21.87 -4.88 -0.51
CA LYS A 208 22.10 -3.57 -1.16
C LYS A 208 22.03 -2.43 -0.15
N PHE A 209 21.07 -2.48 0.78
CA PHE A 209 20.80 -1.39 1.70
C PHE A 209 21.52 -1.52 3.03
N ALA A 210 22.31 -2.58 3.23
CA ALA A 210 22.86 -2.90 4.54
C ALA A 210 24.24 -2.29 4.74
N MET A 211 24.48 -1.80 5.97
CA MET A 211 25.81 -1.39 6.36
C MET A 211 26.70 -2.60 6.62
N SER A 212 26.15 -3.65 7.23
CA SER A 212 26.84 -4.92 7.45
C SER A 212 26.12 -5.99 6.65
N PRO A 213 26.32 -6.05 5.33
CA PRO A 213 25.58 -7.02 4.50
C PRO A 213 25.83 -8.46 4.91
N SER A 214 26.94 -8.74 5.60
CA SER A 214 27.20 -10.09 6.10
C SER A 214 26.16 -10.54 7.12
N ASN A 215 25.48 -9.61 7.79
CA ASN A 215 24.51 -10.01 8.80
C ASN A 215 23.23 -10.57 8.18
N PHE A 216 23.06 -10.45 6.87
CA PHE A 216 22.01 -11.15 6.16
C PHE A 216 22.58 -12.44 5.56
N SER A 217 21.83 -13.53 5.67
CA SER A 217 22.31 -14.82 5.20
C SER A 217 21.12 -15.71 4.84
N SER A 218 21.45 -16.90 4.36
CA SER A 218 20.48 -17.90 3.92
C SER A 218 20.82 -19.26 4.53
N ALA A 219 19.83 -20.15 4.51
CA ALA A 219 19.99 -21.52 4.95
C ALA A 219 18.87 -22.35 4.34
N ASP A 220 19.21 -23.56 3.90
CA ASP A 220 18.25 -24.44 3.26
C ASP A 220 17.37 -25.13 4.30
N CYS A 221 16.17 -25.53 3.87
CA CYS A 221 15.22 -26.15 4.76
C CYS A 221 14.32 -27.08 3.97
N GLN A 222 13.60 -27.94 4.70
CA GLN A 222 12.63 -28.85 4.11
C GLN A 222 11.41 -28.94 5.02
N ASP A 223 10.25 -29.17 4.41
CA ASP A 223 9.00 -29.14 5.15
C ASP A 223 8.60 -30.56 5.56
N GLU A 224 7.35 -30.70 6.01
CA GLU A 224 6.90 -31.97 6.60
C GLU A 224 6.96 -33.11 5.60
N LEU A 225 6.65 -32.83 4.33
CA LEU A 225 6.68 -33.85 3.30
C LEU A 225 7.91 -33.73 2.41
N GLY A 226 8.97 -33.08 2.89
CA GLY A 226 10.23 -33.03 2.19
C GLY A 226 10.23 -32.23 0.90
N ARG A 227 9.74 -31.00 0.97
CA ARG A 227 9.78 -30.09 -0.17
C ARG A 227 10.91 -29.08 0.02
N LYS A 228 11.62 -28.80 -1.07
CA LYS A 228 12.81 -27.96 -1.00
C LYS A 228 12.43 -26.49 -0.83
N GLY A 229 13.18 -25.80 0.01
CA GLY A 229 13.01 -24.37 0.20
C GLY A 229 14.21 -23.79 0.92
N SER A 230 14.13 -22.48 1.16
CA SER A 230 15.21 -21.79 1.86
C SER A 230 14.63 -20.63 2.66
N LYS A 231 15.38 -20.20 3.68
CA LYS A 231 15.00 -19.08 4.52
C LYS A 231 16.15 -18.08 4.60
N LEU A 232 15.80 -16.79 4.63
CA LEU A 232 16.78 -15.75 4.83
C LEU A 232 16.71 -15.23 6.26
N TYR A 233 17.88 -14.85 6.80
CA TYR A 233 18.00 -14.48 8.21
C TYR A 233 18.75 -13.16 8.35
N TYR A 234 18.43 -12.42 9.40
CA TYR A 234 19.21 -11.28 9.82
C TYR A 234 19.76 -11.54 11.22
N SER A 235 21.04 -11.21 11.43
CA SER A 235 21.69 -11.45 12.71
C SER A 235 21.43 -10.28 13.64
N PHE A 236 20.33 -10.38 14.40
CA PHE A 236 20.08 -9.47 15.48
C PHE A 236 21.04 -9.77 16.63
N PRO A 237 21.22 -8.83 17.57
CA PRO A 237 22.18 -9.07 18.67
C PRO A 237 21.84 -10.30 19.51
N TRP A 238 20.58 -10.69 19.60
CA TRP A 238 20.19 -11.86 20.37
C TRP A 238 20.21 -13.14 19.55
N GLY A 239 20.57 -13.07 18.28
CA GLY A 239 20.59 -14.23 17.41
C GLY A 239 19.89 -13.94 16.09
N LYS A 240 19.86 -14.96 15.24
CA LYS A 240 19.28 -14.83 13.91
C LYS A 240 17.77 -14.98 13.98
N GLU A 241 17.07 -14.20 13.14
CA GLU A 241 15.63 -14.29 12.99
C GLU A 241 15.31 -14.46 11.51
N PRO A 242 14.42 -15.38 11.15
CA PRO A 242 14.04 -15.51 9.73
C PRO A 242 13.22 -14.32 9.25
N ILE A 243 13.65 -13.71 8.15
CA ILE A 243 12.98 -12.56 7.57
C ILE A 243 12.32 -12.86 6.24
N GLU A 244 12.56 -14.04 5.67
CA GLU A 244 11.98 -14.38 4.38
C GLU A 244 12.09 -15.89 4.17
N THR A 245 11.07 -16.46 3.55
CA THR A 245 11.04 -17.89 3.24
C THR A 245 10.73 -18.06 1.76
N LEU A 246 11.36 -19.05 1.14
CA LEU A 246 11.13 -19.40 -0.26
C LEU A 246 10.85 -20.89 -0.31
N TRP A 247 9.79 -21.29 -1.00
CA TRP A 247 9.36 -22.68 -1.01
C TRP A 247 9.08 -23.13 -2.44
N ASN A 248 9.58 -24.32 -2.78
CA ASN A 248 9.17 -25.01 -4.00
C ASN A 248 8.00 -25.90 -3.63
N LEU A 249 6.79 -25.44 -3.90
CA LEU A 249 5.59 -26.13 -3.44
C LEU A 249 5.18 -27.27 -4.35
N GLY A 250 5.67 -27.31 -5.59
CA GLY A 250 5.20 -28.27 -6.56
C GLY A 250 3.88 -27.87 -7.19
N ASP A 251 2.84 -28.68 -6.98
CA ASP A 251 1.53 -28.36 -7.54
C ASP A 251 0.36 -28.90 -6.73
N GLN A 252 0.57 -29.36 -5.50
CA GLN A 252 -0.52 -29.92 -4.71
C GLN A 252 -1.58 -28.85 -4.39
N GLU A 253 -1.14 -27.66 -4.00
CA GLU A 253 -2.09 -26.60 -3.68
C GLU A 253 -2.78 -26.07 -4.93
N LEU A 254 -2.06 -26.05 -6.06
CA LEU A 254 -2.67 -25.56 -7.30
C LEU A 254 -3.76 -26.49 -7.79
N LEU A 255 -3.61 -27.79 -7.58
CA LEU A 255 -4.67 -28.73 -7.92
C LEU A 255 -5.79 -28.71 -6.89
N HIS A 256 -5.46 -28.49 -5.62
CA HIS A 256 -6.49 -28.40 -4.59
C HIS A 256 -7.29 -27.10 -4.72
N THR A 257 -6.64 -26.02 -5.16
CA THR A 257 -7.36 -24.77 -5.39
C THR A 257 -8.31 -24.89 -6.58
N TYR A 258 -7.91 -25.62 -7.62
CA TYR A 258 -8.71 -25.80 -8.83
C TYR A 258 -8.96 -27.28 -9.04
N PRO A 259 -9.89 -27.86 -8.28
CA PRO A 259 -10.18 -29.29 -8.46
C PRO A 259 -11.03 -29.52 -9.70
N GLY A 260 -10.74 -30.62 -10.40
CA GLY A 260 -11.48 -31.00 -11.58
C GLY A 260 -10.57 -31.07 -12.80
N ASN A 261 -11.06 -30.55 -13.91
CA ASN A 261 -10.35 -30.69 -15.18
C ASN A 261 -9.03 -29.93 -15.13
N VAL A 262 -7.95 -30.60 -15.55
CA VAL A 262 -6.62 -30.00 -15.51
C VAL A 262 -6.31 -29.16 -16.74
N SER A 263 -7.18 -29.18 -17.76
CA SER A 263 -6.93 -28.38 -18.94
C SER A 263 -7.05 -26.88 -18.66
N THR A 264 -7.91 -26.50 -17.71
CA THR A 264 -8.15 -25.10 -17.44
C THR A 264 -6.95 -24.41 -16.80
N ILE A 265 -6.07 -25.15 -16.14
CA ILE A 265 -4.95 -24.57 -15.41
C ILE A 265 -3.61 -24.79 -16.11
N GLN A 266 -3.61 -25.42 -17.29
CA GLN A 266 -2.35 -25.65 -17.98
C GLN A 266 -1.79 -24.35 -18.54
N GLY A 267 -0.49 -24.16 -18.37
CA GLY A 267 0.23 -23.06 -18.98
C GLY A 267 1.10 -23.57 -20.12
N ARG A 268 1.67 -22.62 -20.86
CA ARG A 268 2.47 -22.92 -22.04
C ARG A 268 3.95 -22.75 -21.72
N ASP A 269 4.66 -23.87 -21.64
CA ASP A 269 6.12 -23.88 -21.47
C ASP A 269 6.72 -23.91 -22.88
N GLY A 270 6.96 -22.72 -23.44
CA GLY A 270 7.31 -22.65 -24.84
C GLY A 270 6.15 -23.16 -25.68
N ARG A 271 6.38 -24.24 -26.40
CA ARG A 271 5.32 -24.90 -27.15
C ARG A 271 4.65 -26.03 -26.36
N LYS A 272 5.10 -26.30 -25.14
CA LYS A 272 4.56 -27.38 -24.32
C LYS A 272 3.45 -26.87 -23.42
N ASN A 273 2.37 -27.63 -23.32
CA ASN A 273 1.30 -27.35 -22.36
C ASN A 273 1.56 -28.16 -21.09
N VAL A 274 1.85 -27.46 -19.99
CA VAL A 274 2.18 -28.10 -18.72
C VAL A 274 1.38 -27.44 -17.60
N VAL A 275 1.19 -28.20 -16.53
CA VAL A 275 0.63 -27.65 -15.29
C VAL A 275 1.80 -27.06 -14.51
N PRO A 276 1.76 -25.79 -14.14
CA PRO A 276 2.96 -25.14 -13.63
C PRO A 276 3.30 -25.57 -12.21
N CYS A 277 4.58 -25.48 -11.90
CA CYS A 277 5.05 -25.57 -10.53
C CYS A 277 4.85 -24.23 -9.84
N VAL A 278 4.59 -24.28 -8.54
CA VAL A 278 4.30 -23.08 -7.76
C VAL A 278 5.47 -22.83 -6.82
N LEU A 279 6.11 -21.68 -6.97
CA LEU A 279 7.11 -21.20 -6.03
C LEU A 279 6.50 -20.09 -5.19
N SER A 280 6.90 -20.03 -3.92
CA SER A 280 6.38 -19.04 -3.00
C SER A 280 7.54 -18.30 -2.36
N VAL A 281 7.55 -16.98 -2.50
CA VAL A 281 8.59 -16.10 -1.96
C VAL A 281 7.89 -15.08 -1.09
N SER A 282 8.16 -15.09 0.21
CA SER A 282 7.45 -14.21 1.13
C SER A 282 8.42 -13.69 2.19
N GLY A 283 8.49 -12.36 2.31
CA GLY A 283 9.36 -11.72 3.29
C GLY A 283 8.55 -10.91 4.28
N ASP A 284 9.12 -10.74 5.48
CA ASP A 284 8.47 -10.00 6.56
C ASP A 284 8.96 -8.55 6.48
N VAL A 285 8.07 -7.67 6.00
CA VAL A 285 8.46 -6.27 5.83
C VAL A 285 8.69 -5.62 7.19
N ASP A 286 7.88 -5.97 8.18
CA ASP A 286 8.01 -5.37 9.52
C ASP A 286 9.33 -5.77 10.16
N LEU A 287 9.64 -7.05 10.18
CA LEU A 287 10.92 -7.48 10.74
C LEU A 287 12.08 -6.91 9.93
N GLY A 288 11.86 -6.70 8.62
CA GLY A 288 12.88 -6.10 7.79
C GLY A 288 13.27 -4.71 8.22
N THR A 289 12.27 -3.89 8.58
CA THR A 289 12.60 -2.51 8.98
C THR A 289 13.30 -2.48 10.33
N LEU A 290 12.87 -3.34 11.26
CA LEU A 290 13.61 -3.53 12.50
C LEU A 290 15.05 -3.94 12.23
N ALA A 291 15.25 -4.86 11.28
CA ALA A 291 16.61 -5.26 10.92
C ALA A 291 17.44 -4.05 10.47
N TYR A 292 16.86 -3.18 9.64
CA TYR A 292 17.64 -2.07 9.12
C TYR A 292 17.90 -1.01 10.18
N LEU A 293 16.97 -0.83 11.11
CA LEU A 293 17.24 0.05 12.24
C LEU A 293 18.43 -0.45 13.04
N TYR A 294 18.46 -1.75 13.35
CA TYR A 294 19.61 -2.32 14.03
C TYR A 294 20.86 -2.19 13.18
N ASP A 295 20.77 -2.54 11.90
CA ASP A 295 21.95 -2.49 11.05
C ASP A 295 22.51 -1.08 10.91
N SER A 296 21.65 -0.06 10.99
CA SER A 296 22.08 1.32 10.78
C SER A 296 22.70 1.96 12.01
N PHE A 297 22.51 1.37 13.19
CA PHE A 297 22.95 1.99 14.44
C PHE A 297 24.47 1.94 14.55
N GLN A 298 25.08 3.12 14.61
CA GLN A 298 26.53 3.24 14.69
C GLN A 298 26.89 4.45 15.55
N LEU A 299 28.16 4.52 15.91
CA LEU A 299 28.72 5.67 16.60
C LEU A 299 29.00 6.80 15.62
N ALA A 300 28.89 8.03 16.10
CA ALA A 300 29.16 9.20 15.28
C ALA A 300 30.66 9.45 15.21
N GLU A 301 31.13 9.89 14.04
CA GLU A 301 32.55 10.07 13.78
C GLU A 301 32.99 11.48 14.18
N ASN A 302 34.05 11.55 15.00
CA ASN A 302 34.73 12.77 15.41
C ASN A 302 33.86 13.68 16.28
N SER A 303 34.51 14.57 17.04
CA SER A 303 33.83 15.50 17.95
C SER A 303 32.91 14.77 18.93
N ARG A 312 28.07 10.57 20.65
CA ARG A 312 26.76 10.75 20.02
C ARG A 312 26.46 9.62 19.04
N LYS A 313 25.18 9.34 18.83
CA LYS A 313 24.73 8.25 17.99
C LYS A 313 24.22 8.77 16.65
N VAL A 314 24.09 7.85 15.70
CA VAL A 314 23.60 8.17 14.37
C VAL A 314 23.04 6.90 13.74
N LEU A 315 21.95 7.05 12.98
CA LEU A 315 21.37 5.96 12.22
C LEU A 315 21.75 6.19 10.76
N LYS A 316 22.55 5.29 10.20
CA LYS A 316 23.02 5.44 8.82
C LYS A 316 22.23 4.52 7.89
N LEU A 317 20.93 4.76 7.84
CA LEU A 317 20.08 4.03 6.91
C LEU A 317 20.48 4.38 5.48
N HIS A 318 20.38 3.39 4.60
CA HIS A 318 20.69 3.60 3.19
C HIS A 318 19.86 4.76 2.63
N PRO A 319 20.41 5.52 1.67
CA PRO A 319 19.69 6.68 1.14
C PRO A 319 18.31 6.36 0.58
N CYS A 320 18.12 5.18 -0.03
CA CYS A 320 16.79 4.82 -0.52
C CYS A 320 15.82 4.50 0.60
N LEU A 321 16.33 4.14 1.78
CA LEU A 321 15.48 3.76 2.90
C LEU A 321 15.21 4.91 3.86
N ALA A 322 16.14 5.86 3.99
CA ALA A 322 16.03 6.90 5.00
C ALA A 322 14.73 7.66 4.83
N PRO A 323 13.95 7.86 5.90
CA PRO A 323 12.66 8.54 5.74
C PRO A 323 12.79 10.02 5.39
N ILE A 324 13.78 10.72 5.93
CA ILE A 324 13.92 12.15 5.72
C ILE A 324 15.18 12.40 4.90
N LYS A 325 15.00 12.84 3.65
CA LYS A 325 16.15 13.07 2.79
C LYS A 325 16.89 14.34 3.20
N VAL A 326 16.17 15.44 3.38
CA VAL A 326 16.77 16.74 3.63
C VAL A 326 16.05 17.43 4.77
N ALA A 327 16.80 18.18 5.59
CA ALA A 327 16.24 19.02 6.62
C ALA A 327 16.58 20.48 6.33
N LEU A 328 15.58 21.35 6.44
CA LEU A 328 15.70 22.77 6.13
C LEU A 328 15.65 23.60 7.40
N ASP A 329 16.62 24.50 7.57
CA ASP A 329 16.64 25.38 8.73
C ASP A 329 17.15 26.75 8.33
N VAL A 330 16.90 27.74 9.20
CA VAL A 330 17.31 29.11 8.97
C VAL A 330 18.30 29.51 10.06
N GLY A 331 19.25 30.36 9.68
CA GLY A 331 20.27 30.85 10.59
C GLY A 331 19.91 32.20 11.17
N LYS A 332 20.94 32.92 11.60
CA LYS A 332 20.74 34.25 12.15
C LYS A 332 20.25 35.20 11.06
N GLY A 333 19.45 36.18 11.47
CA GLY A 333 18.94 37.18 10.55
C GLY A 333 17.45 37.42 10.71
N PRO A 334 16.82 37.99 9.69
CA PRO A 334 15.38 38.25 9.76
C PRO A 334 14.57 36.97 9.66
N THR A 335 13.92 36.58 10.76
CA THR A 335 13.14 35.35 10.77
C THR A 335 11.95 35.40 9.80
N VAL A 336 11.64 36.57 9.25
CA VAL A 336 10.50 36.73 8.36
C VAL A 336 10.83 36.16 6.98
N GLU A 337 11.68 36.86 6.24
CA GLU A 337 11.97 36.47 4.85
C GLU A 337 12.85 35.22 4.78
N LEU A 338 13.50 34.82 5.86
CA LEU A 338 14.30 33.60 5.83
C LEU A 338 13.42 32.36 5.74
N ARG A 339 12.31 32.34 6.48
CA ARG A 339 11.38 31.22 6.38
C ARG A 339 10.62 31.22 5.06
N GLN A 340 10.63 32.34 4.34
CA GLN A 340 9.97 32.40 3.03
C GLN A 340 10.74 31.59 1.99
N VAL A 341 12.07 31.73 1.96
CA VAL A 341 12.87 31.03 0.96
C VAL A 341 12.80 29.53 1.16
N CYS A 342 12.71 29.07 2.40
CA CYS A 342 12.65 27.63 2.66
C CYS A 342 11.42 27.00 2.03
N GLN A 343 10.26 27.68 2.13
CA GLN A 343 9.05 27.13 1.54
C GLN A 343 9.15 27.02 0.03
N GLY A 344 9.73 28.04 -0.63
CA GLY A 344 9.97 27.93 -2.05
C GLY A 344 10.90 26.80 -2.40
N LEU A 345 11.91 26.56 -1.55
CA LEU A 345 12.81 25.44 -1.75
C LEU A 345 12.16 24.12 -1.36
N LEU A 346 11.40 24.10 -0.26
CA LEU A 346 10.75 22.87 0.18
C LEU A 346 9.77 22.36 -0.88
N ASN A 347 8.95 23.25 -1.42
CA ASN A 347 7.97 22.83 -2.41
C ASN A 347 8.66 22.32 -3.67
N GLU A 348 9.79 22.93 -4.03
CA GLU A 348 10.52 22.47 -5.21
C GLU A 348 11.06 21.06 -5.00
N LEU A 349 11.60 20.78 -3.81
CA LEU A 349 12.12 19.45 -3.51
C LEU A 349 11.01 18.40 -3.47
N LEU A 350 9.87 18.74 -2.86
CA LEU A 350 8.74 17.81 -2.83
C LEU A 350 8.27 17.47 -4.24
N GLU A 351 8.27 18.46 -5.15
CA GLU A 351 7.79 18.22 -6.50
C GLU A 351 8.65 17.21 -7.25
N ASN A 352 9.93 17.09 -6.87
CA ASN A 352 10.82 16.09 -7.45
C ASN A 352 11.00 14.88 -6.55
N GLY A 353 10.05 14.61 -5.67
CA GLY A 353 10.08 13.42 -4.84
C GLY A 353 11.19 13.36 -3.82
N ILE A 354 11.46 14.48 -3.13
CA ILE A 354 12.48 14.54 -2.08
C ILE A 354 11.78 14.95 -0.80
N SER A 355 11.76 14.05 0.19
CA SER A 355 11.10 14.33 1.45
C SER A 355 11.94 15.28 2.29
N VAL A 356 11.28 16.16 3.05
CA VAL A 356 11.93 17.28 3.71
C VAL A 356 11.42 17.41 5.13
N TRP A 357 12.34 17.67 6.08
CA TRP A 357 11.96 18.01 7.45
C TRP A 357 11.97 19.51 7.59
N PRO A 358 10.82 20.17 7.77
CA PRO A 358 10.78 21.65 7.84
C PRO A 358 11.18 22.19 9.21
N GLY A 359 12.48 22.12 9.52
CA GLY A 359 12.98 22.56 10.82
C GLY A 359 12.85 24.05 11.07
N TYR A 360 12.72 24.85 10.01
CA TYR A 360 12.65 26.29 10.17
C TYR A 360 11.36 26.76 10.84
N SER A 361 10.31 25.94 10.87
CA SER A 361 9.09 26.35 11.55
C SER A 361 9.18 26.16 13.06
N GLU A 362 10.15 25.38 13.54
CA GLU A 362 10.33 25.22 14.98
C GLU A 362 10.78 26.53 15.60
N THR A 363 10.10 26.94 16.67
CA THR A 363 10.36 28.22 17.31
C THR A 363 11.30 28.12 18.51
N VAL A 364 11.72 26.90 18.87
CA VAL A 364 12.63 26.74 20.00
C VAL A 364 14.02 27.25 19.65
N HIS A 365 14.41 27.12 18.38
CA HIS A 365 15.69 27.64 17.88
C HIS A 365 16.87 27.01 18.61
N SER A 366 17.20 25.77 18.26
CA SER A 366 18.34 25.09 18.82
C SER A 366 19.63 25.53 18.12
N SER A 367 20.77 25.22 18.73
CA SER A 367 22.04 25.47 18.07
C SER A 367 22.26 24.44 16.96
N LEU A 368 23.30 24.67 16.16
CA LEU A 368 23.59 23.76 15.06
C LEU A 368 24.06 22.41 15.58
N GLU A 369 24.86 22.40 16.65
CA GLU A 369 25.31 21.15 17.23
C GLU A 369 24.13 20.31 17.71
N GLN A 370 23.20 20.93 18.44
CA GLN A 370 22.00 20.24 18.87
C GLN A 370 21.18 19.79 17.68
N LEU A 371 21.06 20.66 16.67
CA LEU A 371 20.25 20.34 15.49
C LEU A 371 20.87 19.18 14.71
N HIS A 372 22.19 19.24 14.48
CA HIS A 372 22.82 18.19 13.68
C HIS A 372 22.88 16.87 14.45
N SER A 373 23.07 16.92 15.76
CA SER A 373 23.00 15.69 16.55
C SER A 373 21.61 15.07 16.47
N LYS A 374 20.57 15.91 16.48
CA LYS A 374 19.21 15.40 16.34
C LYS A 374 19.00 14.80 14.94
N TYR A 375 19.41 15.54 13.91
CA TYR A 375 19.25 15.06 12.53
C TYR A 375 20.02 13.77 12.29
N ASP A 376 21.22 13.66 12.87
CA ASP A 376 21.97 12.41 12.79
C ASP A 376 21.17 11.25 13.39
N GLU A 377 20.57 11.45 14.56
CA GLU A 377 19.74 10.41 15.15
C GLU A 377 18.51 10.12 14.31
N MET A 378 18.05 11.10 13.52
CA MET A 378 16.88 10.92 12.67
C MET A 378 17.23 10.37 11.30
N SER A 379 18.52 10.15 11.03
CA SER A 379 19.00 9.59 9.77
C SER A 379 18.82 10.55 8.60
N VAL A 380 18.77 11.85 8.88
CA VAL A 380 18.63 12.85 7.81
C VAL A 380 19.87 12.83 6.94
N LEU A 381 19.68 12.64 5.64
CA LEU A 381 20.82 12.51 4.73
C LEU A 381 21.54 13.85 4.57
N PHE A 382 20.79 14.91 4.32
CA PHE A 382 21.40 16.21 4.08
C PHE A 382 20.71 17.27 4.92
N SER A 383 21.52 18.13 5.54
CA SER A 383 21.03 19.26 6.30
C SER A 383 21.35 20.53 5.51
N VAL A 384 20.34 21.37 5.31
CA VAL A 384 20.45 22.59 4.51
C VAL A 384 20.16 23.77 5.41
N LEU A 385 21.03 24.78 5.35
CA LEU A 385 20.89 26.00 6.14
C LEU A 385 20.83 27.20 5.20
N VAL A 386 19.75 27.98 5.29
CA VAL A 386 19.61 29.22 4.54
C VAL A 386 19.79 30.39 5.50
N THR A 387 20.53 31.39 5.06
CA THR A 387 20.86 32.55 5.88
C THR A 387 20.80 33.79 5.02
N GLU A 388 21.16 34.93 5.60
CA GLU A 388 21.22 36.17 4.83
C GLU A 388 22.29 36.13 3.76
N THR A 389 23.31 35.28 3.93
CA THR A 389 24.24 35.04 2.83
C THR A 389 23.52 34.45 1.62
N THR A 390 22.52 33.60 1.87
CA THR A 390 21.70 33.07 0.78
C THR A 390 20.80 34.16 0.20
N LEU A 391 20.23 35.01 1.06
CA LEU A 391 19.35 36.07 0.60
C LEU A 391 20.05 37.02 -0.35
N GLU A 392 21.34 37.24 -0.17
CA GLU A 392 22.12 38.13 -1.04
C GLU A 392 22.84 37.39 -2.15
N ASN A 393 22.80 36.06 -2.17
CA ASN A 393 23.51 35.31 -3.20
C ASN A 393 22.74 34.07 -3.62
N GLY A 394 22.41 33.21 -2.65
CA GLY A 394 21.74 31.97 -2.98
C GLY A 394 22.60 30.77 -2.62
N LEU A 395 23.75 31.05 -2.01
CA LEU A 395 24.64 29.98 -1.56
C LEU A 395 24.10 29.43 -0.24
N ILE A 396 23.54 28.23 -0.30
CA ILE A 396 23.07 27.56 0.89
C ILE A 396 24.21 26.72 1.46
N GLN A 397 24.09 26.36 2.74
CA GLN A 397 25.08 25.55 3.43
C GLN A 397 24.57 24.11 3.51
N LEU A 398 25.36 23.18 2.96
CA LEU A 398 24.98 21.78 2.88
C LEU A 398 25.86 20.97 3.83
N ARG A 399 25.23 20.05 4.57
CA ARG A 399 25.96 19.15 5.46
C ARG A 399 25.50 17.73 5.20
N SER A 400 26.46 16.82 5.11
CA SER A 400 26.16 15.41 4.90
C SER A 400 26.10 14.69 6.24
N ARG A 401 25.17 13.73 6.34
CA ARG A 401 25.06 12.92 7.55
C ARG A 401 26.34 12.14 7.83
N ASP A 402 26.77 11.31 6.86
CA ASP A 402 27.90 10.41 7.08
C ASP A 402 29.19 11.19 7.28
N THR A 403 29.56 12.00 6.29
CA THR A 403 30.75 12.85 6.36
C THR A 403 30.29 14.25 6.75
N THR A 404 30.58 14.65 7.98
CA THR A 404 30.01 15.86 8.58
C THR A 404 30.95 17.03 8.31
N MET A 405 30.59 17.86 7.33
CA MET A 405 31.30 19.09 7.04
C MET A 405 30.36 19.97 6.21
N LYS A 406 30.68 21.26 6.17
CA LYS A 406 29.80 22.25 5.57
C LYS A 406 30.29 22.59 4.17
N GLU A 407 29.68 21.97 3.16
CA GLU A 407 29.96 22.28 1.76
C GLU A 407 28.97 23.33 1.28
N MET A 408 29.49 24.34 0.58
CA MET A 408 28.66 25.43 0.07
C MET A 408 28.24 25.14 -1.35
N MET A 409 26.99 25.49 -1.68
CA MET A 409 26.52 25.34 -3.06
C MET A 409 25.34 26.26 -3.28
N HIS A 410 25.12 26.60 -4.55
CA HIS A 410 24.01 27.47 -4.92
C HIS A 410 22.70 26.70 -4.83
N ILE A 411 21.62 27.45 -4.57
CA ILE A 411 20.34 26.82 -4.30
C ILE A 411 19.70 26.26 -5.56
N SER A 412 19.98 26.86 -6.73
CA SER A 412 19.33 26.40 -7.96
C SER A 412 19.87 25.06 -8.45
N LYS A 413 20.90 24.52 -7.84
CA LYS A 413 21.43 23.21 -8.20
C LYS A 413 21.19 22.16 -7.13
N LEU A 414 20.48 22.52 -6.05
CA LEU A 414 20.28 21.58 -4.95
C LEU A 414 19.41 20.41 -5.37
N ARG A 415 18.26 20.71 -5.98
CA ARG A 415 17.35 19.64 -6.43
C ARG A 415 18.08 18.66 -7.35
N ASP A 416 18.77 19.18 -8.34
CA ASP A 416 19.45 18.32 -9.31
C ASP A 416 20.54 17.50 -8.64
N PHE A 417 21.23 18.08 -7.66
CA PHE A 417 22.22 17.32 -6.91
C PHE A 417 21.58 16.21 -6.10
N LEU A 418 20.41 16.47 -5.54
CA LEU A 418 19.75 15.47 -4.71
C LEU A 418 19.18 14.33 -5.55
N VAL A 419 18.62 14.65 -6.72
CA VAL A 419 18.03 13.61 -7.55
C VAL A 419 19.11 12.68 -8.11
N LYS A 420 20.26 13.25 -8.49
CA LYS A 420 21.33 12.43 -9.02
C LYS A 420 22.02 11.61 -7.94
N TYR A 421 22.12 12.15 -6.73
CA TYR A 421 22.67 11.37 -5.62
C TYR A 421 21.77 10.20 -5.28
N LEU A 422 20.45 10.39 -5.39
CA LEU A 422 19.52 9.31 -5.11
C LEU A 422 19.57 8.25 -6.21
N ALA A 423 19.69 8.67 -7.46
CA ALA A 423 19.76 7.71 -8.56
C ALA A 423 21.03 6.87 -8.47
N SER A 424 22.14 7.47 -8.05
CA SER A 424 23.37 6.71 -7.86
C SER A 424 23.17 5.61 -6.82
N ALA A 425 22.52 5.93 -5.71
CA ALA A 425 22.25 4.96 -4.67
C ALA A 425 21.18 3.96 -5.05
N SER A 426 20.39 4.24 -6.09
CA SER A 426 19.33 3.33 -6.52
C SER A 426 19.90 2.00 -6.99
N ASN A 427 20.86 2.04 -7.92
CA ASN A 427 21.46 0.82 -8.44
C ASN A 427 22.71 0.44 -7.65
N VAL B 7 -27.94 -2.27 -19.77
CA VAL B 7 -27.33 -2.66 -21.04
C VAL B 7 -25.96 -2.01 -21.19
N ALA B 8 -25.87 -0.72 -20.86
CA ALA B 8 -24.58 -0.04 -20.89
C ALA B 8 -23.75 -0.37 -19.65
N ARG B 9 -24.40 -0.65 -18.52
CA ARG B 9 -23.68 -1.19 -17.38
C ARG B 9 -23.06 -2.54 -17.73
N GLU B 10 -23.82 -3.37 -18.44
CA GLU B 10 -23.31 -4.66 -18.89
C GLU B 10 -22.17 -4.51 -19.88
N ALA B 11 -22.06 -3.37 -20.56
CA ALA B 11 -20.91 -3.16 -21.43
C ALA B 11 -19.66 -2.79 -20.63
N LEU B 12 -19.82 -1.99 -19.57
CA LEU B 12 -18.64 -1.50 -18.85
C LEU B 12 -18.04 -2.58 -17.96
N VAL B 13 -18.88 -3.19 -17.11
CA VAL B 13 -18.40 -4.27 -16.26
C VAL B 13 -17.81 -5.39 -17.10
N ASP B 14 -18.45 -5.73 -18.22
CA ASP B 14 -17.88 -6.75 -19.09
C ASP B 14 -16.53 -6.33 -19.65
N LEU B 15 -16.40 -5.05 -20.03
CA LEU B 15 -15.12 -4.59 -20.55
C LEU B 15 -14.05 -4.65 -19.47
N CYS B 16 -14.39 -4.23 -18.25
CA CYS B 16 -13.44 -4.28 -17.15
C CYS B 16 -13.06 -5.71 -16.80
N ARG B 17 -14.01 -6.63 -16.89
CA ARG B 17 -13.70 -8.04 -16.66
C ARG B 17 -12.77 -8.57 -17.76
N ARG B 18 -13.10 -8.27 -19.02
CA ARG B 18 -12.29 -8.75 -20.13
C ARG B 18 -10.86 -8.21 -20.09
N ARG B 19 -10.69 -6.98 -19.62
CA ARG B 19 -9.38 -6.34 -19.60
C ARG B 19 -8.71 -6.39 -18.24
N HIS B 20 -9.32 -7.10 -17.28
CA HIS B 20 -8.73 -7.37 -15.98
C HIS B 20 -8.60 -6.12 -15.12
N PHE B 21 -9.45 -5.11 -15.37
CA PHE B 21 -9.68 -4.11 -14.33
C PHE B 21 -10.43 -4.70 -13.16
N LEU B 22 -11.38 -5.59 -13.44
CA LEU B 22 -12.17 -6.28 -12.44
C LEU B 22 -11.98 -7.78 -12.59
N SER B 23 -12.17 -8.50 -11.48
CA SER B 23 -12.24 -9.96 -11.54
C SER B 23 -13.51 -10.42 -10.85
N GLY B 24 -13.94 -11.64 -11.17
CA GLY B 24 -15.06 -12.26 -10.50
C GLY B 24 -16.02 -12.95 -11.44
N THR B 25 -16.89 -13.77 -10.85
CA THR B 25 -17.97 -14.39 -11.61
C THR B 25 -19.01 -13.34 -11.99
N PRO B 26 -19.90 -13.67 -12.95
CA PRO B 26 -20.97 -12.70 -13.29
C PRO B 26 -21.79 -12.23 -12.10
N GLN B 27 -22.04 -13.08 -11.12
CA GLN B 27 -22.83 -12.66 -9.96
C GLN B 27 -22.01 -11.79 -9.00
N GLN B 28 -20.70 -12.00 -8.92
CA GLN B 28 -19.88 -11.12 -8.12
C GLN B 28 -19.70 -9.74 -8.75
N LEU B 29 -20.05 -9.59 -10.03
CA LEU B 29 -19.85 -8.34 -10.75
C LEU B 29 -21.11 -7.49 -10.82
N SER B 30 -22.22 -7.93 -10.23
CA SER B 30 -23.39 -7.07 -10.11
C SER B 30 -23.05 -5.87 -9.24
N THR B 31 -23.85 -4.81 -9.37
CA THR B 31 -23.58 -3.59 -8.64
C THR B 31 -23.66 -3.81 -7.13
N ALA B 32 -24.66 -4.59 -6.69
CA ALA B 32 -24.79 -4.88 -5.27
C ALA B 32 -23.54 -5.58 -4.74
N ALA B 33 -23.02 -6.56 -5.48
CA ALA B 33 -21.82 -7.27 -5.01
C ALA B 33 -20.60 -6.36 -5.02
N LEU B 34 -20.46 -5.54 -6.07
CA LEU B 34 -19.35 -4.58 -6.12
C LEU B 34 -19.40 -3.60 -4.95
N LEU B 35 -20.60 -3.20 -4.55
CA LEU B 35 -20.74 -2.22 -3.46
C LEU B 35 -20.59 -2.87 -2.09
N SER B 36 -20.89 -4.16 -1.97
CA SER B 36 -20.80 -4.82 -0.67
C SER B 36 -19.34 -4.98 -0.22
N GLY B 37 -18.42 -5.15 -1.16
CA GLY B 37 -17.04 -5.39 -0.78
C GLY B 37 -16.75 -6.77 -0.25
N CYS B 38 -17.63 -7.74 -0.52
CA CYS B 38 -17.45 -9.10 -0.01
C CYS B 38 -16.53 -9.95 -0.87
N HIS B 39 -16.05 -9.46 -2.01
CA HIS B 39 -15.11 -10.20 -2.82
C HIS B 39 -14.03 -9.27 -3.32
N ALA B 40 -12.86 -9.84 -3.62
CA ALA B 40 -11.74 -9.08 -4.17
C ALA B 40 -12.10 -8.63 -5.59
N ARG B 41 -12.46 -7.36 -5.74
CA ARG B 41 -13.10 -6.86 -6.95
C ARG B 41 -12.15 -6.69 -8.13
N PHE B 42 -10.85 -6.50 -7.89
CA PHE B 42 -9.99 -5.91 -8.91
C PHE B 42 -9.01 -6.92 -9.47
N GLY B 43 -8.87 -6.93 -10.81
CA GLY B 43 -7.78 -7.64 -11.45
C GLY B 43 -6.52 -6.80 -11.49
N PRO B 44 -5.50 -7.34 -12.15
CA PRO B 44 -4.19 -6.65 -12.13
C PRO B 44 -4.22 -5.20 -12.59
N LEU B 45 -4.98 -4.87 -13.65
CA LEU B 45 -5.06 -3.47 -14.07
C LEU B 45 -5.86 -2.63 -13.07
N GLY B 46 -6.88 -3.20 -12.43
CA GLY B 46 -7.64 -2.46 -11.44
C GLY B 46 -6.85 -2.21 -10.17
N VAL B 47 -6.03 -3.18 -9.77
CA VAL B 47 -5.14 -3.00 -8.61
C VAL B 47 -4.16 -1.86 -8.87
N GLU B 48 -3.60 -1.81 -10.08
CA GLU B 48 -2.66 -0.73 -10.40
C GLU B 48 -3.37 0.62 -10.44
N LEU B 49 -4.60 0.64 -10.97
CA LEU B 49 -5.40 1.87 -10.93
C LEU B 49 -5.65 2.33 -9.50
N ARG B 50 -6.06 1.41 -8.62
CA ARG B 50 -6.34 1.79 -7.24
C ARG B 50 -5.07 2.25 -6.54
N LYS B 51 -3.94 1.60 -6.84
CA LYS B 51 -2.66 2.03 -6.30
C LYS B 51 -2.30 3.43 -6.78
N ASN B 52 -2.50 3.71 -8.08
CA ASN B 52 -2.26 5.07 -8.56
C ASN B 52 -3.15 6.07 -7.85
N LEU B 53 -4.42 5.70 -7.63
CA LEU B 53 -5.34 6.60 -6.92
C LEU B 53 -4.88 6.82 -5.48
N ALA B 54 -4.51 5.74 -4.79
CA ALA B 54 -3.98 5.84 -3.43
C ALA B 54 -2.75 6.72 -3.36
N SER B 55 -1.82 6.55 -4.31
CA SER B 55 -0.62 7.37 -4.32
C SER B 55 -0.95 8.84 -4.53
N GLN B 56 -1.91 9.14 -5.41
CA GLN B 56 -2.34 10.51 -5.60
C GLN B 56 -2.97 11.07 -4.32
N TRP B 57 -3.75 10.26 -3.60
CA TRP B 57 -4.31 10.73 -2.32
C TRP B 57 -3.19 11.09 -1.37
N TRP B 58 -2.19 10.22 -1.26
CA TRP B 58 -1.11 10.43 -0.30
C TRP B 58 -0.32 11.68 -0.63
N SER B 59 -0.03 11.92 -1.90
CA SER B 59 0.75 13.12 -2.21
C SER B 59 -0.05 14.38 -1.90
N SER B 60 -1.35 14.40 -2.24
CA SER B 60 -2.12 15.60 -2.02
C SER B 60 -2.54 15.78 -0.56
N MET B 61 -2.63 14.67 0.20
CA MET B 61 -3.11 14.76 1.58
C MET B 61 -1.99 14.71 2.62
N VAL B 62 -0.80 14.24 2.24
CA VAL B 62 0.30 14.06 3.19
C VAL B 62 1.53 14.81 2.70
N VAL B 63 2.09 14.38 1.57
CA VAL B 63 3.40 14.87 1.14
C VAL B 63 3.36 16.39 0.94
N PHE B 64 2.30 16.91 0.31
CA PHE B 64 2.23 18.32 0.00
C PHE B 64 1.48 19.14 1.04
N ARG B 65 1.04 18.52 2.13
CA ARG B 65 0.36 19.23 3.20
C ARG B 65 1.34 19.51 4.34
N GLU B 66 1.02 20.54 5.12
CA GLU B 66 1.85 20.94 6.24
C GLU B 66 1.40 20.22 7.51
N GLN B 67 2.35 19.57 8.18
CA GLN B 67 2.13 18.96 9.48
C GLN B 67 1.12 17.81 9.41
N VAL B 68 1.22 17.00 8.35
CA VAL B 68 0.45 15.76 8.26
C VAL B 68 1.42 14.59 8.30
N PHE B 69 1.24 13.69 9.27
CA PHE B 69 2.15 12.57 9.49
C PHE B 69 1.40 11.25 9.32
N ALA B 70 2.14 10.23 8.91
CA ALA B 70 1.57 8.90 8.74
C ALA B 70 1.43 8.18 10.07
N VAL B 71 0.40 7.36 10.18
CA VAL B 71 0.22 6.49 11.33
C VAL B 71 -0.05 5.07 10.84
N ASP B 72 0.33 4.10 11.67
CA ASP B 72 -0.02 2.71 11.42
C ASP B 72 -0.76 2.18 12.65
N SER B 73 -1.80 1.39 12.41
CA SER B 73 -2.56 0.81 13.50
C SER B 73 -3.00 -0.58 13.10
N LEU B 74 -3.39 -1.37 14.10
CA LEU B 74 -3.77 -2.75 13.83
C LEU B 74 -5.13 -2.81 13.15
N HIS B 75 -5.35 -3.94 12.48
CA HIS B 75 -6.65 -4.24 11.88
C HIS B 75 -7.69 -4.67 12.90
N GLN B 76 -7.28 -4.99 14.12
CA GLN B 76 -8.22 -5.43 15.13
C GLN B 76 -8.00 -4.61 16.40
N GLU B 77 -9.04 -4.55 17.23
CA GLU B 77 -9.11 -3.69 18.39
C GLU B 77 -9.66 -4.48 19.56
N PRO B 78 -9.42 -4.02 20.79
CA PRO B 78 -9.99 -4.71 21.96
C PRO B 78 -11.50 -4.86 21.85
N GLY B 79 -11.98 -6.06 22.17
CA GLY B 79 -13.40 -6.31 22.07
C GLY B 79 -14.17 -5.64 23.19
N SER B 80 -15.38 -5.21 22.85
CA SER B 80 -16.27 -4.58 23.81
C SER B 80 -17.37 -5.53 24.23
N SER B 81 -18.16 -5.09 25.20
CA SER B 81 -19.34 -5.82 25.64
C SER B 81 -20.63 -5.08 25.32
N GLN B 82 -20.56 -4.06 24.44
CA GLN B 82 -21.74 -3.28 24.10
C GLN B 82 -22.74 -4.16 23.35
N PRO B 83 -24.01 -4.19 23.76
CA PRO B 83 -24.96 -5.18 23.21
C PRO B 83 -25.24 -5.02 21.73
N ARG B 84 -24.86 -3.91 21.10
CA ARG B 84 -25.09 -3.73 19.68
C ARG B 84 -23.81 -3.60 18.88
N ASP B 85 -22.65 -3.84 19.50
CA ASP B 85 -21.38 -3.91 18.76
C ASP B 85 -21.43 -5.13 17.84
N SER B 86 -21.55 -4.90 16.55
CA SER B 86 -21.74 -5.97 15.57
C SER B 86 -20.48 -6.34 14.83
N ALA B 87 -19.34 -5.73 15.15
CA ALA B 87 -18.09 -6.12 14.50
C ALA B 87 -17.76 -7.57 14.81
N PHE B 88 -17.24 -8.28 13.82
CA PHE B 88 -16.94 -9.69 13.98
C PHE B 88 -15.78 -9.88 14.95
N ARG B 89 -15.84 -10.97 15.71
CA ARG B 89 -14.82 -11.24 16.72
C ARG B 89 -13.83 -12.28 16.20
N LEU B 90 -12.59 -12.17 16.66
CA LEU B 90 -11.53 -13.12 16.34
C LEU B 90 -11.42 -14.14 17.46
N VAL B 91 -11.58 -15.42 17.12
CA VAL B 91 -11.50 -16.49 18.11
C VAL B 91 -10.53 -17.56 17.60
N SER B 92 -9.63 -17.99 18.46
CA SER B 92 -8.69 -19.04 18.09
C SER B 92 -9.43 -20.36 17.89
N PRO B 93 -9.24 -21.05 16.77
CA PRO B 93 -9.84 -22.39 16.63
C PRO B 93 -9.34 -23.39 17.65
N GLU B 94 -8.10 -23.23 18.13
CA GLU B 94 -7.56 -24.20 19.08
C GLU B 94 -8.25 -24.10 20.43
N SER B 95 -8.69 -22.91 20.83
CA SER B 95 -9.45 -22.82 22.07
C SER B 95 -10.78 -23.53 21.95
N ILE B 96 -11.43 -23.43 20.79
CA ILE B 96 -12.67 -24.15 20.55
C ILE B 96 -12.42 -25.66 20.56
N ARG B 97 -11.35 -26.11 19.91
CA ARG B 97 -11.06 -27.54 19.89
C ARG B 97 -10.74 -28.07 21.28
N GLU B 98 -10.09 -27.27 22.12
CA GLU B 98 -9.83 -27.71 23.49
C GLU B 98 -11.14 -27.96 24.25
N ILE B 99 -12.04 -26.98 24.25
CA ILE B 99 -13.25 -27.16 25.04
C ILE B 99 -14.12 -28.27 24.45
N LEU B 100 -14.04 -28.50 23.14
CA LEU B 100 -14.83 -29.56 22.53
C LEU B 100 -14.22 -30.95 22.77
N GLN B 101 -12.94 -31.11 22.47
CA GLN B 101 -12.33 -32.42 22.36
C GLN B 101 -11.48 -32.84 23.56
N ASP B 102 -10.94 -31.89 24.31
CA ASP B 102 -10.03 -32.23 25.41
C ASP B 102 -10.74 -32.54 26.72
N ARG B 103 -11.93 -32.01 26.94
CA ARG B 103 -12.72 -32.36 28.11
C ARG B 103 -14.12 -32.74 27.68
N GLU B 104 -14.95 -33.12 28.65
CA GLU B 104 -16.36 -33.31 28.40
C GLU B 104 -17.07 -32.13 29.03
N PRO B 105 -17.15 -30.99 28.33
CA PRO B 105 -17.62 -29.77 28.98
C PRO B 105 -19.06 -29.90 29.44
N SER B 106 -19.37 -29.30 30.58
CA SER B 106 -20.76 -29.16 30.97
C SER B 106 -21.39 -27.97 30.24
N LYS B 107 -22.72 -27.88 30.36
CA LYS B 107 -23.44 -26.75 29.79
C LYS B 107 -22.93 -25.43 30.36
N GLU B 108 -22.67 -25.40 31.68
CA GLU B 108 -22.21 -24.18 32.32
C GLU B 108 -20.86 -23.75 31.77
N GLN B 109 -19.95 -24.70 31.54
CA GLN B 109 -18.62 -24.34 31.03
C GLN B 109 -18.69 -23.83 29.60
N LEU B 110 -19.63 -24.35 28.80
CA LEU B 110 -19.79 -23.86 27.44
C LEU B 110 -20.37 -22.45 27.43
N VAL B 111 -21.38 -22.20 28.28
CA VAL B 111 -21.87 -20.83 28.45
C VAL B 111 -20.74 -19.90 28.87
N ALA B 112 -19.98 -20.29 29.90
CA ALA B 112 -18.90 -19.44 30.39
C ALA B 112 -17.85 -19.19 29.31
N PHE B 113 -17.55 -20.22 28.50
CA PHE B 113 -16.63 -20.04 27.39
C PHE B 113 -17.16 -19.02 26.39
N LEU B 114 -18.43 -19.18 25.97
CA LEU B 114 -19.01 -18.27 24.98
C LEU B 114 -19.15 -16.85 25.53
N GLU B 115 -19.50 -16.72 26.81
CA GLU B 115 -19.56 -15.40 27.41
C GLU B 115 -18.19 -14.72 27.39
N ASN B 116 -17.15 -15.46 27.80
CA ASN B 116 -15.83 -14.88 27.82
C ASN B 116 -15.35 -14.53 26.42
N LEU B 117 -15.83 -15.25 25.41
CA LEU B 117 -15.56 -14.88 24.02
C LEU B 117 -16.08 -13.47 23.72
N LEU B 118 -17.32 -13.18 24.14
CA LEU B 118 -17.90 -11.87 23.86
C LEU B 118 -17.18 -10.77 24.59
N LYS B 119 -16.81 -11.00 25.85
CA LYS B 119 -16.25 -9.93 26.66
C LYS B 119 -14.81 -9.60 26.29
N THR B 120 -14.03 -10.59 25.85
CA THR B 120 -12.59 -10.43 25.78
C THR B 120 -11.99 -10.50 24.39
N SER B 121 -12.60 -11.23 23.46
CA SER B 121 -11.94 -11.44 22.17
C SER B 121 -11.86 -10.14 21.37
N GLY B 122 -10.79 -10.02 20.58
CA GLY B 122 -10.63 -8.87 19.72
C GLY B 122 -11.68 -8.83 18.62
N LYS B 123 -11.79 -7.66 17.98
CA LYS B 123 -12.77 -7.44 16.92
C LYS B 123 -12.12 -6.65 15.79
N LEU B 124 -12.69 -6.76 14.59
CA LEU B 124 -12.16 -6.08 13.41
C LEU B 124 -12.55 -4.61 13.40
N ARG B 125 -11.59 -3.75 13.06
CA ARG B 125 -11.86 -2.33 13.03
C ARG B 125 -12.91 -1.99 11.98
N ALA B 126 -13.79 -1.05 12.31
CA ALA B 126 -14.76 -0.53 11.37
C ALA B 126 -14.22 0.69 10.63
N THR B 127 -13.38 1.50 11.29
CA THR B 127 -12.81 2.70 10.72
C THR B 127 -11.37 2.87 11.21
N LEU B 128 -10.70 3.88 10.66
CA LEU B 128 -9.31 4.20 10.98
C LEU B 128 -9.19 5.27 12.04
N LEU B 129 -10.31 5.82 12.51
CA LEU B 129 -10.28 6.95 13.45
C LEU B 129 -9.62 6.56 14.77
N HIS B 130 -10.03 5.44 15.35
CA HIS B 130 -9.48 5.03 16.64
C HIS B 130 -7.97 4.95 16.59
N GLY B 131 -7.41 4.40 15.51
CA GLY B 131 -5.97 4.32 15.39
C GLY B 131 -5.29 5.68 15.37
N ALA B 132 -5.94 6.69 14.81
CA ALA B 132 -5.39 8.05 14.85
C ALA B 132 -5.46 8.63 16.25
N LEU B 133 -6.62 8.48 16.92
CA LEU B 133 -6.75 8.98 18.29
C LEU B 133 -5.71 8.34 19.20
N GLU B 134 -5.45 7.05 19.03
CA GLU B 134 -4.53 6.35 19.93
C GLU B 134 -3.08 6.76 19.70
N HIS B 135 -2.74 7.33 18.55
CA HIS B 135 -1.38 7.79 18.29
C HIS B 135 -1.22 9.28 18.50
N TYR B 136 -2.24 9.96 19.03
CA TYR B 136 -2.24 11.42 19.07
C TYR B 136 -1.16 11.95 20.00
N VAL B 137 -1.08 11.41 21.22
CA VAL B 137 -0.12 11.94 22.18
C VAL B 137 1.31 11.69 21.70
N ASN B 138 1.56 10.55 21.04
CA ASN B 138 2.89 10.29 20.51
C ASN B 138 3.29 11.34 19.48
N CYS B 139 2.39 11.64 18.54
CA CYS B 139 2.71 12.62 17.51
C CYS B 139 2.73 14.04 18.06
N LEU B 140 2.02 14.29 19.16
CA LEU B 140 2.11 15.59 19.81
C LEU B 140 3.55 15.91 20.21
N ASP B 141 4.24 14.93 20.80
CA ASP B 141 5.64 15.12 21.17
C ASP B 141 6.49 15.41 19.93
N LEU B 142 6.19 14.74 18.81
CA LEU B 142 6.95 14.95 17.59
C LEU B 142 6.87 16.40 17.10
N VAL B 143 5.69 17.01 17.18
CA VAL B 143 5.51 18.37 16.67
C VAL B 143 5.72 19.39 17.78
N ASN B 144 6.39 18.99 18.86
CA ASN B 144 6.62 19.88 20.01
C ASN B 144 5.34 20.53 20.48
N ARG B 145 4.26 19.75 20.56
CA ARG B 145 2.95 20.12 21.08
C ARG B 145 2.22 21.16 20.23
N LYS B 146 2.70 21.48 19.03
CA LYS B 146 2.15 22.59 18.25
C LYS B 146 0.98 22.13 17.39
N LEU B 147 -0.14 22.87 17.48
CA LEU B 147 -1.33 22.67 16.68
C LEU B 147 -1.39 23.70 15.56
N PRO B 148 -1.99 23.36 14.40
CA PRO B 148 -2.64 22.08 14.13
C PRO B 148 -1.73 21.05 13.47
N PHE B 149 -2.11 19.78 13.54
CA PHE B 149 -1.41 18.74 12.79
C PHE B 149 -2.39 17.63 12.49
N GLY B 150 -1.97 16.71 11.61
CA GLY B 150 -2.83 15.64 11.17
C GLY B 150 -2.11 14.30 11.18
N LEU B 151 -2.93 13.24 11.13
CA LEU B 151 -2.44 11.87 11.13
C LEU B 151 -3.19 11.11 10.03
N ALA B 152 -2.44 10.57 9.07
CA ALA B 152 -3.04 9.99 7.87
C ALA B 152 -2.72 8.50 7.76
N GLN B 153 -3.67 7.76 7.18
CA GLN B 153 -3.50 6.32 7.01
C GLN B 153 -4.41 5.85 5.88
N ILE B 154 -3.91 4.89 5.09
CA ILE B 154 -4.71 4.16 4.12
C ILE B 154 -4.68 2.70 4.52
N GLY B 155 -5.85 2.09 4.66
CA GLY B 155 -5.91 0.71 5.11
C GLY B 155 -7.31 0.15 4.99
N VAL B 156 -7.39 -1.17 5.05
CA VAL B 156 -8.67 -1.86 4.90
C VAL B 156 -9.43 -1.80 6.22
N CYS B 157 -10.75 -1.57 6.13
CA CYS B 157 -11.66 -1.68 7.24
C CYS B 157 -12.77 -2.67 6.91
N PHE B 158 -13.49 -3.10 7.93
CA PHE B 158 -14.45 -4.20 7.83
C PHE B 158 -15.83 -3.71 8.22
N HIS B 159 -16.82 -4.07 7.43
CA HIS B 159 -18.20 -3.63 7.66
CA HIS B 159 -18.20 -3.63 7.66
C HIS B 159 -19.12 -4.83 7.48
N PRO B 160 -19.87 -5.21 8.52
CA PRO B 160 -20.86 -6.28 8.33
C PRO B 160 -21.83 -5.94 7.21
N VAL B 161 -22.39 -6.98 6.61
CA VAL B 161 -23.24 -6.81 5.44
C VAL B 161 -24.61 -7.46 5.64
N THR B 172 -24.03 -11.84 8.26
CA THR B 172 -23.42 -13.16 8.23
C THR B 172 -22.17 -13.19 7.34
N ARG B 173 -21.88 -12.05 6.70
CA ARG B 173 -20.68 -11.88 5.88
C ARG B 173 -20.06 -10.52 6.20
N VAL B 174 -18.77 -10.37 5.89
CA VAL B 174 -18.04 -9.15 6.22
C VAL B 174 -17.43 -8.59 4.95
N GLY B 175 -17.74 -7.34 4.64
CA GLY B 175 -17.15 -6.67 3.52
C GLY B 175 -15.90 -5.92 3.93
N GLU B 176 -15.04 -5.69 2.95
CA GLU B 176 -13.74 -5.03 3.16
C GLU B 176 -13.64 -3.84 2.24
N LYS B 177 -13.28 -2.69 2.82
CA LYS B 177 -13.17 -1.46 2.07
C LYS B 177 -11.85 -0.79 2.42
N THR B 178 -11.14 -0.35 1.37
CA THR B 178 -9.93 0.43 1.52
C THR B 178 -10.31 1.86 1.87
N GLU B 179 -9.96 2.31 3.06
CA GLU B 179 -10.28 3.64 3.53
C GLU B 179 -9.01 4.48 3.57
N ALA B 180 -9.14 5.72 3.13
CA ALA B 180 -8.09 6.73 3.22
C ALA B 180 -8.56 7.78 4.21
N SER B 181 -7.84 7.91 5.31
CA SER B 181 -8.29 8.72 6.43
C SER B 181 -7.24 9.76 6.79
N LEU B 182 -7.72 10.97 7.04
CA LEU B 182 -6.93 12.05 7.61
C LEU B 182 -7.68 12.52 8.85
N VAL B 183 -7.00 12.52 9.99
CA VAL B 183 -7.58 13.01 11.24
C VAL B 183 -6.80 14.26 11.64
N TRP B 184 -7.50 15.39 11.74
CA TRP B 184 -6.89 16.71 11.81
C TRP B 184 -7.17 17.32 13.17
N PHE B 185 -6.12 17.65 13.91
CA PHE B 185 -6.23 18.16 15.27
C PHE B 185 -6.01 19.67 15.27
N THR B 186 -7.05 20.43 15.65
CA THR B 186 -7.03 21.88 15.54
C THR B 186 -7.77 22.50 16.72
N PRO B 187 -7.42 23.72 17.11
CA PRO B 187 -8.21 24.41 18.14
C PRO B 187 -9.62 24.63 17.63
N THR B 188 -10.57 24.63 18.57
CA THR B 188 -11.96 24.85 18.20
C THR B 188 -12.11 26.16 17.44
N ARG B 189 -11.32 27.17 17.80
CA ARG B 189 -11.39 28.49 17.18
C ARG B 189 -11.34 28.45 15.66
N THR B 190 -10.58 27.52 15.09
CA THR B 190 -10.39 27.44 13.65
C THR B 190 -10.95 26.17 13.05
N SER B 191 -11.71 25.38 13.82
CA SER B 191 -12.13 24.07 13.35
C SER B 191 -13.07 24.17 12.15
N SER B 192 -14.02 25.09 12.20
CA SER B 192 -14.95 25.25 11.08
C SER B 192 -14.23 25.71 9.81
N GLN B 193 -13.27 26.62 9.96
CA GLN B 193 -12.51 27.06 8.79
C GLN B 193 -11.65 25.93 8.24
N TRP B 194 -11.05 25.12 9.11
CA TRP B 194 -10.28 23.99 8.59
C TRP B 194 -11.19 22.96 7.94
N LEU B 195 -12.41 22.79 8.45
CA LEU B 195 -13.34 21.84 7.83
C LEU B 195 -13.69 22.29 6.41
N ASP B 196 -13.94 23.59 6.23
CA ASP B 196 -14.23 24.09 4.89
C ASP B 196 -13.02 23.95 3.98
N PHE B 197 -11.81 24.17 4.49
CA PHE B 197 -10.62 23.97 3.67
C PHE B 197 -10.53 22.52 3.17
N TRP B 198 -10.67 21.55 4.07
CA TRP B 198 -10.52 20.16 3.66
C TRP B 198 -11.62 19.74 2.71
N LEU B 199 -12.85 20.21 2.94
CA LEU B 199 -13.97 19.87 2.06
C LEU B 199 -13.69 20.32 0.62
N ARG B 200 -13.32 21.60 0.46
CA ARG B 200 -12.94 22.09 -0.87
C ARG B 200 -11.74 21.32 -1.42
N HIS B 201 -10.74 21.08 -0.59
CA HIS B 201 -9.56 20.35 -1.05
C HIS B 201 -9.94 18.96 -1.56
N ARG B 202 -10.77 18.23 -0.80
CA ARG B 202 -11.16 16.89 -1.24
C ARG B 202 -12.02 16.93 -2.50
N LEU B 203 -12.95 17.89 -2.59
CA LEU B 203 -13.80 17.93 -3.78
C LEU B 203 -12.98 18.26 -5.03
N LEU B 204 -12.11 19.26 -4.95
CA LEU B 204 -11.18 19.54 -6.04
C LEU B 204 -10.34 18.32 -6.41
N TRP B 205 -9.88 17.57 -5.40
CA TRP B 205 -9.05 16.39 -5.68
C TRP B 205 -9.81 15.35 -6.50
N TRP B 206 -11.04 15.04 -6.11
CA TRP B 206 -11.84 14.07 -6.87
C TRP B 206 -12.06 14.54 -8.29
N ARG B 207 -12.33 15.85 -8.47
CA ARG B 207 -12.70 16.36 -9.78
C ARG B 207 -11.51 16.40 -10.73
N LYS B 208 -10.29 16.58 -10.23
CA LYS B 208 -9.17 16.83 -11.14
C LYS B 208 -8.89 15.64 -12.05
N PHE B 209 -9.27 14.43 -11.64
CA PHE B 209 -9.03 13.23 -12.43
C PHE B 209 -10.22 12.80 -13.28
N ALA B 210 -11.35 13.52 -13.21
CA ALA B 210 -12.59 13.07 -13.82
C ALA B 210 -12.73 13.59 -15.25
N MET B 211 -13.38 12.77 -16.09
CA MET B 211 -13.87 13.27 -17.37
C MET B 211 -15.07 14.19 -17.17
N SER B 212 -15.96 13.86 -16.23
CA SER B 212 -17.16 14.65 -15.94
C SER B 212 -17.13 15.07 -14.47
N PRO B 213 -16.38 16.14 -14.14
CA PRO B 213 -16.25 16.51 -12.73
C PRO B 213 -17.56 16.89 -12.07
N SER B 214 -18.61 17.20 -12.85
CA SER B 214 -19.91 17.54 -12.28
C SER B 214 -20.60 16.34 -11.65
N ASN B 215 -20.14 15.13 -11.92
CA ASN B 215 -20.70 13.96 -11.28
C ASN B 215 -20.17 13.74 -9.88
N PHE B 216 -19.23 14.57 -9.42
CA PHE B 216 -18.80 14.59 -8.02
C PHE B 216 -19.43 15.80 -7.35
N SER B 217 -20.04 15.58 -6.17
CA SER B 217 -20.75 16.64 -5.48
C SER B 217 -20.69 16.40 -3.97
N SER B 218 -21.21 17.37 -3.22
CA SER B 218 -21.22 17.33 -1.76
C SER B 218 -22.62 17.62 -1.24
N ALA B 219 -22.82 17.33 0.04
CA ALA B 219 -24.05 17.72 0.72
C ALA B 219 -23.74 17.78 2.21
N ASP B 220 -24.16 18.88 2.85
CA ASP B 220 -23.92 19.03 4.27
C ASP B 220 -24.82 18.08 5.04
N CYS B 221 -24.34 17.62 6.20
CA CYS B 221 -25.13 16.75 7.04
C CYS B 221 -24.79 17.00 8.50
N GLN B 222 -25.62 16.45 9.38
CA GLN B 222 -25.41 16.46 10.82
C GLN B 222 -25.53 15.03 11.33
N ASP B 223 -24.78 14.71 12.38
CA ASP B 223 -24.83 13.37 12.96
C ASP B 223 -25.87 13.32 14.06
N GLU B 224 -25.92 12.20 14.79
CA GLU B 224 -26.97 11.98 15.77
C GLU B 224 -26.93 12.99 16.91
N LEU B 225 -25.77 13.61 17.14
CA LEU B 225 -25.60 14.60 18.19
C LEU B 225 -25.76 16.03 17.69
N GLY B 226 -26.00 16.21 16.39
CA GLY B 226 -26.07 17.53 15.81
C GLY B 226 -24.75 18.08 15.34
N ARG B 227 -23.67 17.29 15.40
CA ARG B 227 -22.37 17.76 14.94
C ARG B 227 -22.36 17.90 13.43
N LYS B 228 -21.64 18.90 12.95
CA LYS B 228 -21.69 19.25 11.54
C LYS B 228 -20.70 18.43 10.73
N GLY B 229 -21.09 18.10 9.52
CA GLY B 229 -20.21 17.46 8.59
C GLY B 229 -20.68 17.65 7.17
N SER B 230 -20.01 16.94 6.26
CA SER B 230 -20.37 16.97 4.86
C SER B 230 -19.98 15.62 4.27
N LYS B 231 -20.68 15.23 3.21
CA LYS B 231 -20.36 14.00 2.51
C LYS B 231 -20.17 14.29 1.03
N LEU B 232 -19.30 13.50 0.41
CA LEU B 232 -19.02 13.61 -1.02
C LEU B 232 -19.63 12.42 -1.74
N TYR B 233 -20.20 12.68 -2.92
CA TYR B 233 -20.91 11.67 -3.69
C TYR B 233 -20.37 11.60 -5.11
N TYR B 234 -20.49 10.42 -5.72
CA TYR B 234 -20.32 10.24 -7.15
C TYR B 234 -21.64 9.76 -7.73
N SER B 235 -22.04 10.34 -8.87
CA SER B 235 -23.31 9.98 -9.51
C SER B 235 -23.09 8.78 -10.42
N PHE B 236 -23.29 7.59 -9.87
CA PHE B 236 -23.30 6.37 -10.67
C PHE B 236 -24.57 6.31 -11.49
N PRO B 237 -24.61 5.48 -12.54
CA PRO B 237 -25.83 5.41 -13.37
C PRO B 237 -27.09 5.06 -12.59
N TRP B 238 -26.99 4.34 -11.49
CA TRP B 238 -28.17 3.99 -10.70
C TRP B 238 -28.48 4.99 -9.61
N GLY B 239 -27.59 5.95 -9.37
CA GLY B 239 -27.83 6.97 -8.37
C GLY B 239 -26.53 7.40 -7.72
N LYS B 240 -26.66 8.32 -6.78
CA LYS B 240 -25.51 8.82 -6.04
C LYS B 240 -25.07 7.83 -4.97
N GLU B 241 -23.76 7.72 -4.77
CA GLU B 241 -23.18 6.90 -3.70
C GLU B 241 -22.16 7.73 -2.93
N PRO B 242 -22.23 7.74 -1.60
CA PRO B 242 -21.23 8.48 -0.82
C PRO B 242 -19.86 7.84 -0.96
N ILE B 243 -18.87 8.68 -1.23
CA ILE B 243 -17.49 8.24 -1.38
C ILE B 243 -16.56 8.85 -0.35
N GLU B 244 -17.03 9.81 0.45
CA GLU B 244 -16.17 10.47 1.42
C GLU B 244 -17.04 11.15 2.45
N THR B 245 -16.61 11.12 3.71
CA THR B 245 -17.33 11.83 4.76
C THR B 245 -16.34 12.70 5.52
N LEU B 246 -16.76 13.91 5.87
CA LEU B 246 -15.99 14.81 6.70
C LEU B 246 -16.81 15.19 7.91
N TRP B 247 -16.24 15.01 9.10
CA TRP B 247 -16.93 15.31 10.35
C TRP B 247 -16.10 16.26 11.20
N ASN B 248 -16.78 17.20 11.86
CA ASN B 248 -16.20 18.01 12.94
C ASN B 248 -16.65 17.35 14.24
N LEU B 249 -15.82 16.44 14.75
CA LEU B 249 -16.18 15.67 15.93
C LEU B 249 -16.08 16.45 17.24
N GLY B 250 -15.50 17.65 17.23
CA GLY B 250 -15.24 18.28 18.52
C GLY B 250 -14.13 17.54 19.25
N ASP B 251 -14.14 17.63 20.58
CA ASP B 251 -13.13 16.95 21.39
C ASP B 251 -13.70 15.80 22.22
N GLN B 252 -14.86 15.27 21.83
CA GLN B 252 -15.49 14.21 22.61
C GLN B 252 -14.66 12.93 22.59
N GLU B 253 -14.38 12.41 21.39
CA GLU B 253 -13.69 11.13 21.27
C GLU B 253 -12.29 11.19 21.87
N LEU B 254 -11.65 12.36 21.84
CA LEU B 254 -10.27 12.46 22.32
C LEU B 254 -10.19 12.31 23.83
N LEU B 255 -11.15 12.91 24.56
CA LEU B 255 -11.16 12.79 26.01
C LEU B 255 -11.49 11.36 26.44
N HIS B 256 -12.32 10.67 25.68
CA HIS B 256 -12.62 9.28 25.98
C HIS B 256 -11.42 8.37 25.70
N THR B 257 -10.65 8.67 24.66
CA THR B 257 -9.46 7.87 24.40
C THR B 257 -8.41 8.06 25.48
N TYR B 258 -8.33 9.25 26.07
CA TYR B 258 -7.33 9.58 27.09
C TYR B 258 -8.02 10.08 28.35
N PRO B 259 -8.67 9.18 29.09
CA PRO B 259 -9.34 9.62 30.32
C PRO B 259 -8.33 9.99 31.38
N GLY B 260 -8.59 11.11 32.07
CA GLY B 260 -7.74 11.58 33.14
C GLY B 260 -7.27 12.99 32.90
N ASN B 261 -6.01 13.25 33.26
CA ASN B 261 -5.49 14.61 33.27
C ASN B 261 -5.43 15.17 31.86
N VAL B 262 -6.01 16.36 31.68
CA VAL B 262 -6.08 16.98 30.36
C VAL B 262 -4.76 17.60 29.93
N SER B 263 -3.83 17.82 30.86
CA SER B 263 -2.54 18.41 30.48
C SER B 263 -1.79 17.50 29.52
N THR B 264 -2.01 16.19 29.62
CA THR B 264 -1.30 15.25 28.75
C THR B 264 -1.72 15.40 27.30
N ILE B 265 -2.96 15.83 27.02
CA ILE B 265 -3.46 15.92 25.66
C ILE B 265 -3.58 17.34 25.15
N GLN B 266 -3.17 18.34 25.93
CA GLN B 266 -3.28 19.73 25.49
C GLN B 266 -2.17 20.06 24.50
N GLY B 267 -2.55 20.70 23.40
CA GLY B 267 -1.61 21.24 22.44
C GLY B 267 -1.52 22.75 22.52
N ARG B 268 -0.58 23.29 21.76
CA ARG B 268 -0.30 24.72 21.76
C ARG B 268 -1.06 25.39 20.62
N ASP B 269 -1.93 26.32 20.96
CA ASP B 269 -2.57 27.22 20.01
C ASP B 269 -1.93 28.58 20.24
N GLY B 270 -0.89 28.88 19.47
CA GLY B 270 -0.06 30.03 19.81
C GLY B 270 0.55 29.79 21.18
N ARG B 271 0.24 30.68 22.12
CA ARG B 271 0.71 30.55 23.49
C ARG B 271 -0.34 29.95 24.42
N LYS B 272 -1.42 29.43 23.87
CA LYS B 272 -2.52 28.89 24.64
C LYS B 272 -2.45 27.37 24.64
N ASN B 273 -2.62 26.78 25.82
CA ASN B 273 -2.76 25.33 25.94
C ASN B 273 -4.24 24.97 25.81
N VAL B 274 -4.57 24.13 24.83
CA VAL B 274 -5.95 23.85 24.49
C VAL B 274 -6.09 22.38 24.12
N VAL B 275 -7.17 21.75 24.58
CA VAL B 275 -7.54 20.42 24.09
C VAL B 275 -8.09 20.59 22.69
N PRO B 276 -7.53 19.93 21.68
CA PRO B 276 -7.90 20.23 20.30
C PRO B 276 -9.26 19.69 19.93
N CYS B 277 -9.89 20.37 18.98
CA CYS B 277 -11.00 19.83 18.23
C CYS B 277 -10.47 18.81 17.21
N VAL B 278 -11.29 17.81 16.89
CA VAL B 278 -10.89 16.72 16.00
C VAL B 278 -11.78 16.75 14.75
N LEU B 279 -11.16 16.89 13.58
CA LEU B 279 -11.84 16.73 12.30
C LEU B 279 -11.45 15.39 11.69
N SER B 280 -12.43 14.69 11.14
CA SER B 280 -12.19 13.37 10.55
C SER B 280 -12.56 13.41 9.07
N VAL B 281 -11.62 13.07 8.22
CA VAL B 281 -11.80 13.03 6.77
C VAL B 281 -11.54 11.61 6.31
N SER B 282 -12.54 10.98 5.69
CA SER B 282 -12.46 9.56 5.41
C SER B 282 -13.08 9.27 4.05
N GLY B 283 -12.28 8.75 3.12
CA GLY B 283 -12.76 8.42 1.79
C GLY B 283 -12.62 6.94 1.45
N ASP B 284 -13.46 6.46 0.53
CA ASP B 284 -13.47 5.05 0.12
C ASP B 284 -12.68 4.93 -1.19
N VAL B 285 -11.50 4.33 -1.10
CA VAL B 285 -10.61 4.22 -2.27
C VAL B 285 -11.15 3.19 -3.26
N ASP B 286 -11.74 2.10 -2.76
CA ASP B 286 -12.28 1.07 -3.64
C ASP B 286 -13.45 1.61 -4.46
N LEU B 287 -14.40 2.26 -3.78
CA LEU B 287 -15.53 2.87 -4.49
C LEU B 287 -15.04 3.98 -5.43
N GLY B 288 -14.06 4.77 -4.98
CA GLY B 288 -13.48 5.78 -5.86
C GLY B 288 -12.92 5.19 -7.14
N THR B 289 -12.25 4.03 -7.03
CA THR B 289 -11.76 3.35 -8.22
C THR B 289 -12.91 2.95 -9.14
N LEU B 290 -13.99 2.40 -8.57
CA LEU B 290 -15.16 2.10 -9.39
C LEU B 290 -15.69 3.36 -10.07
N ALA B 291 -15.72 4.47 -9.35
CA ALA B 291 -16.23 5.72 -9.93
C ALA B 291 -15.42 6.11 -11.17
N TYR B 292 -14.09 6.07 -11.07
CA TYR B 292 -13.29 6.51 -12.20
C TYR B 292 -13.42 5.57 -13.39
N LEU B 293 -13.66 4.28 -13.14
CA LEU B 293 -13.93 3.37 -14.25
C LEU B 293 -15.20 3.77 -14.99
N TYR B 294 -16.30 4.00 -14.25
CA TYR B 294 -17.53 4.48 -14.88
C TYR B 294 -17.30 5.83 -15.54
N ASP B 295 -16.60 6.74 -14.86
CA ASP B 295 -16.38 8.08 -15.40
C ASP B 295 -15.55 8.04 -16.68
N SER B 296 -14.67 7.04 -16.83
CA SER B 296 -13.79 7.01 -17.99
C SER B 296 -14.45 6.38 -19.21
N PHE B 297 -15.61 5.77 -19.07
CA PHE B 297 -16.19 4.94 -20.12
C PHE B 297 -16.78 5.83 -21.21
N GLN B 298 -16.29 5.68 -22.44
CA GLN B 298 -16.71 6.53 -23.55
C GLN B 298 -16.78 5.72 -24.84
N LEU B 299 -17.61 6.18 -25.75
CA LEU B 299 -17.53 5.71 -27.13
C LEU B 299 -16.27 6.25 -27.80
N ALA B 300 -15.59 5.38 -28.54
CA ALA B 300 -14.39 5.81 -29.24
C ALA B 300 -14.73 6.87 -30.28
N GLU B 301 -13.87 7.87 -30.42
CA GLU B 301 -14.10 8.98 -31.33
C GLU B 301 -13.18 9.00 -32.53
N ASN B 302 -12.16 8.15 -32.58
CA ASN B 302 -11.23 8.19 -33.69
C ASN B 302 -11.90 7.68 -34.97
N SER B 303 -11.30 8.05 -36.11
CA SER B 303 -11.95 7.84 -37.40
C SER B 303 -12.13 6.35 -37.71
N PHE B 304 -11.14 5.52 -37.34
CA PHE B 304 -11.25 4.09 -37.61
C PHE B 304 -12.42 3.48 -36.86
N ALA B 305 -12.61 3.84 -35.59
CA ALA B 305 -13.70 3.30 -34.80
C ALA B 305 -15.03 3.95 -35.16
N ARG B 306 -15.02 5.26 -35.44
CA ARG B 306 -16.27 5.97 -35.69
C ARG B 306 -16.88 5.58 -37.03
N LYS B 307 -16.03 5.40 -38.06
CA LYS B 307 -16.52 4.93 -39.35
C LYS B 307 -16.70 3.42 -39.34
N LYS B 308 -17.34 2.91 -38.30
CA LYS B 308 -17.60 1.48 -38.15
C LYS B 308 -18.78 1.29 -37.21
N SER B 309 -19.73 0.46 -37.61
CA SER B 309 -20.92 0.19 -36.82
C SER B 309 -20.65 -0.72 -35.62
N LEU B 310 -19.38 -0.99 -35.31
CA LEU B 310 -19.04 -1.81 -34.16
C LEU B 310 -19.09 -1.03 -32.85
N GLN B 311 -19.01 0.30 -32.92
CA GLN B 311 -19.07 1.18 -31.75
C GLN B 311 -18.01 0.76 -30.72
N ARG B 312 -16.75 0.92 -31.13
CA ARG B 312 -15.63 0.65 -30.25
C ARG B 312 -15.75 1.48 -28.97
N LYS B 313 -15.11 1.00 -27.92
CA LYS B 313 -15.15 1.65 -26.62
C LYS B 313 -13.75 1.98 -26.16
N VAL B 314 -13.64 3.03 -25.36
CA VAL B 314 -12.36 3.48 -24.83
C VAL B 314 -12.56 3.87 -23.38
N LEU B 315 -11.59 3.53 -22.53
CA LEU B 315 -11.55 4.02 -21.15
C LEU B 315 -10.58 5.18 -21.12
N LYS B 316 -11.10 6.37 -20.86
CA LYS B 316 -10.27 7.58 -20.85
C LYS B 316 -9.88 7.94 -19.42
N LEU B 317 -9.17 7.02 -18.76
CA LEU B 317 -8.66 7.30 -17.43
C LEU B 317 -7.65 8.43 -17.48
N HIS B 318 -7.65 9.27 -16.46
CA HIS B 318 -6.70 10.38 -16.40
C HIS B 318 -5.27 9.83 -16.45
N PRO B 319 -4.34 10.55 -17.07
CA PRO B 319 -2.96 10.00 -17.20
C PRO B 319 -2.32 9.63 -15.88
N CYS B 320 -2.60 10.35 -14.79
CA CYS B 320 -2.02 9.98 -13.50
C CYS B 320 -2.61 8.69 -12.94
N LEU B 321 -3.77 8.26 -13.44
CA LEU B 321 -4.44 7.09 -12.92
C LEU B 321 -4.30 5.88 -13.83
N ALA B 322 -4.21 6.08 -15.14
CA ALA B 322 -4.15 4.97 -16.08
C ALA B 322 -3.06 3.98 -15.65
N PRO B 323 -3.36 2.68 -15.59
CA PRO B 323 -2.35 1.74 -15.08
C PRO B 323 -1.19 1.55 -16.04
N ILE B 324 -1.44 1.62 -17.35
CA ILE B 324 -0.45 1.37 -18.38
C ILE B 324 -0.20 2.65 -19.15
N LYS B 325 1.01 3.20 -19.01
CA LYS B 325 1.32 4.47 -19.67
C LYS B 325 1.60 4.29 -21.16
N VAL B 326 2.28 3.21 -21.53
CA VAL B 326 2.70 3.03 -22.92
C VAL B 326 2.72 1.55 -23.25
N ALA B 327 2.34 1.22 -24.47
CA ALA B 327 2.45 -0.14 -24.99
C ALA B 327 3.52 -0.17 -26.08
N LEU B 328 4.30 -1.25 -26.12
CA LEU B 328 5.38 -1.43 -27.09
C LEU B 328 5.10 -2.64 -27.96
N ASP B 329 5.13 -2.44 -29.28
CA ASP B 329 4.94 -3.53 -30.22
C ASP B 329 5.95 -3.40 -31.35
N VAL B 330 6.07 -4.47 -32.13
CA VAL B 330 6.96 -4.51 -33.28
C VAL B 330 6.13 -4.56 -34.56
N GLY B 331 6.62 -3.89 -35.59
CA GLY B 331 6.03 -3.91 -36.92
C GLY B 331 6.76 -4.87 -37.84
N LYS B 332 6.84 -4.49 -39.12
CA LYS B 332 7.59 -5.28 -40.09
C LYS B 332 9.08 -5.24 -39.78
N GLY B 333 9.77 -6.35 -40.04
CA GLY B 333 11.19 -6.45 -39.79
C GLY B 333 11.61 -7.74 -39.10
N PRO B 334 12.91 -7.88 -38.83
CA PRO B 334 13.43 -9.10 -38.19
C PRO B 334 13.03 -9.13 -36.72
N THR B 335 12.22 -10.14 -36.35
CA THR B 335 11.52 -10.07 -35.07
C THR B 335 12.50 -10.06 -33.89
N VAL B 336 13.50 -10.94 -33.92
CA VAL B 336 14.43 -11.03 -32.79
C VAL B 336 15.16 -9.71 -32.57
N GLU B 337 15.66 -9.11 -33.65
CA GLU B 337 16.32 -7.81 -33.54
C GLU B 337 15.35 -6.74 -33.06
N LEU B 338 14.10 -6.76 -33.55
CA LEU B 338 13.15 -5.74 -33.14
C LEU B 338 12.78 -5.90 -31.66
N ARG B 339 12.58 -7.13 -31.21
CA ARG B 339 12.35 -7.39 -29.79
C ARG B 339 13.51 -6.89 -28.93
N GLN B 340 14.75 -7.09 -29.40
CA GLN B 340 15.91 -6.58 -28.66
C GLN B 340 15.84 -5.07 -28.48
N VAL B 341 15.48 -4.33 -29.54
CA VAL B 341 15.32 -2.89 -29.40
C VAL B 341 14.22 -2.56 -28.39
N CYS B 342 13.08 -3.25 -28.50
CA CYS B 342 11.98 -2.98 -27.57
C CYS B 342 12.40 -3.24 -26.13
N GLN B 343 13.20 -4.28 -25.91
CA GLN B 343 13.62 -4.63 -24.56
C GLN B 343 14.47 -3.53 -23.95
N GLY B 344 15.44 -3.03 -24.71
CA GLY B 344 16.25 -1.91 -24.22
C GLY B 344 15.40 -0.68 -23.95
N LEU B 345 14.43 -0.41 -24.81
CA LEU B 345 13.55 0.75 -24.59
C LEU B 345 12.68 0.55 -23.37
N LEU B 346 12.10 -0.66 -23.21
CA LEU B 346 11.28 -0.94 -22.03
C LEU B 346 12.07 -0.74 -20.75
N ASN B 347 13.28 -1.30 -20.68
CA ASN B 347 14.10 -1.14 -19.47
C ASN B 347 14.36 0.33 -19.16
N GLU B 348 14.63 1.14 -20.19
CA GLU B 348 14.82 2.56 -19.95
C GLU B 348 13.55 3.20 -19.40
N LEU B 349 12.39 2.84 -19.95
CA LEU B 349 11.14 3.45 -19.51
C LEU B 349 10.79 3.03 -18.08
N LEU B 350 10.93 1.74 -17.76
CA LEU B 350 10.66 1.27 -16.39
C LEU B 350 11.57 1.95 -15.39
N GLU B 351 12.85 2.12 -15.73
CA GLU B 351 13.79 2.77 -14.83
C GLU B 351 13.39 4.20 -14.52
N ASN B 352 12.66 4.86 -15.43
CA ASN B 352 12.19 6.22 -15.23
C ASN B 352 10.73 6.26 -14.74
N GLY B 353 10.22 5.14 -14.24
CA GLY B 353 8.91 5.11 -13.60
C GLY B 353 7.73 5.01 -14.53
N ILE B 354 7.94 4.75 -15.82
CA ILE B 354 6.87 4.68 -16.80
C ILE B 354 6.46 3.21 -16.99
N SER B 355 5.21 2.89 -16.65
CA SER B 355 4.71 1.54 -16.84
C SER B 355 4.56 1.24 -18.33
N VAL B 356 4.89 0.01 -18.73
CA VAL B 356 4.93 -0.38 -20.14
C VAL B 356 4.21 -1.71 -20.32
N TRP B 357 3.40 -1.81 -21.38
CA TRP B 357 2.81 -3.09 -21.77
C TRP B 357 3.70 -3.73 -22.84
N PRO B 358 4.34 -4.86 -22.55
CA PRO B 358 5.28 -5.46 -23.52
C PRO B 358 4.57 -6.30 -24.57
N GLY B 359 3.79 -5.64 -25.43
CA GLY B 359 3.10 -6.35 -26.50
C GLY B 359 4.03 -7.02 -27.47
N TYR B 360 5.27 -6.54 -27.58
CA TYR B 360 6.25 -7.10 -28.50
C TYR B 360 6.59 -8.55 -28.16
N SER B 361 6.47 -8.93 -26.89
CA SER B 361 6.84 -10.29 -26.49
C SER B 361 5.77 -11.32 -26.87
N GLU B 362 4.68 -10.90 -27.53
CA GLU B 362 3.68 -11.86 -27.97
C GLU B 362 4.09 -12.49 -29.29
N THR B 363 3.68 -13.74 -29.50
CA THR B 363 4.07 -14.47 -30.70
C THR B 363 2.94 -14.61 -31.71
N VAL B 364 1.71 -14.29 -31.32
CA VAL B 364 0.60 -14.25 -32.25
C VAL B 364 0.48 -12.83 -32.78
N HIS B 365 0.35 -12.69 -34.09
CA HIS B 365 0.28 -11.38 -34.71
CA HIS B 365 0.27 -11.39 -34.74
C HIS B 365 -1.18 -10.95 -34.89
N SER B 366 -1.43 -9.67 -34.64
CA SER B 366 -2.73 -9.06 -34.84
C SER B 366 -2.55 -7.76 -35.59
N SER B 367 -3.63 -7.31 -36.24
CA SER B 367 -3.59 -6.07 -36.99
C SER B 367 -3.36 -4.89 -36.05
N LEU B 368 -2.95 -3.76 -36.64
CA LEU B 368 -2.84 -2.54 -35.86
C LEU B 368 -4.20 -2.07 -35.36
N GLU B 369 -5.25 -2.29 -36.16
CA GLU B 369 -6.58 -1.90 -35.72
C GLU B 369 -6.99 -2.68 -34.47
N GLN B 370 -6.87 -4.02 -34.53
CA GLN B 370 -7.17 -4.83 -33.35
C GLN B 370 -6.32 -4.42 -32.16
N LEU B 371 -5.03 -4.14 -32.41
CA LEU B 371 -4.13 -3.78 -31.32
C LEU B 371 -4.54 -2.46 -30.68
N HIS B 372 -4.83 -1.45 -31.51
CA HIS B 372 -5.20 -0.15 -30.97
C HIS B 372 -6.58 -0.16 -30.34
N SER B 373 -7.50 -1.01 -30.81
CA SER B 373 -8.78 -1.16 -30.13
C SER B 373 -8.60 -1.70 -28.73
N LYS B 374 -7.76 -2.73 -28.58
CA LYS B 374 -7.51 -3.30 -27.25
C LYS B 374 -6.86 -2.29 -26.32
N TYR B 375 -5.85 -1.57 -26.82
CA TYR B 375 -5.14 -0.62 -25.96
C TYR B 375 -6.06 0.53 -25.51
N ASP B 376 -6.96 0.97 -26.39
CA ASP B 376 -7.97 1.96 -26.00
C ASP B 376 -8.87 1.42 -24.89
N GLU B 377 -9.30 0.15 -25.00
CA GLU B 377 -10.08 -0.45 -23.92
C GLU B 377 -9.29 -0.57 -22.62
N MET B 378 -7.96 -0.65 -22.71
CA MET B 378 -7.11 -0.75 -21.52
C MET B 378 -6.65 0.62 -21.01
N SER B 379 -7.09 1.70 -21.64
CA SER B 379 -6.70 3.07 -21.28
C SER B 379 -5.21 3.34 -21.47
N VAL B 380 -4.54 2.59 -22.36
CA VAL B 380 -3.14 2.88 -22.67
C VAL B 380 -3.01 4.28 -23.23
N LEU B 381 -2.14 5.09 -22.61
CA LEU B 381 -1.98 6.48 -23.06
C LEU B 381 -1.33 6.57 -24.44
N PHE B 382 -0.29 5.77 -24.69
CA PHE B 382 0.43 5.86 -25.95
C PHE B 382 0.82 4.47 -26.44
N SER B 383 0.70 4.26 -27.74
CA SER B 383 1.14 3.03 -28.39
C SER B 383 2.36 3.36 -29.25
N VAL B 384 3.42 2.55 -29.10
CA VAL B 384 4.68 2.73 -29.82
C VAL B 384 4.97 1.51 -30.67
N LEU B 385 5.28 1.74 -31.94
CA LEU B 385 5.63 0.67 -32.87
C LEU B 385 7.09 0.77 -33.28
N VAL B 386 7.82 -0.34 -33.14
CA VAL B 386 9.22 -0.46 -33.54
C VAL B 386 9.28 -1.31 -34.79
N THR B 387 9.91 -0.80 -35.84
CA THR B 387 9.93 -1.43 -37.15
C THR B 387 11.34 -1.47 -37.71
N GLU B 388 11.47 -2.09 -38.90
CA GLU B 388 12.75 -2.06 -39.62
C GLU B 388 13.22 -0.65 -39.87
N THR B 389 12.29 0.31 -39.97
CA THR B 389 12.68 1.71 -40.06
C THR B 389 13.43 2.15 -38.80
N THR B 390 12.96 1.72 -37.63
CA THR B 390 13.67 2.02 -36.40
C THR B 390 15.11 1.52 -36.43
N LEU B 391 15.34 0.37 -37.06
CA LEU B 391 16.70 -0.18 -37.12
C LEU B 391 17.59 0.65 -38.03
N GLU B 392 17.01 1.38 -38.98
CA GLU B 392 17.78 2.18 -39.94
C GLU B 392 18.04 3.60 -39.43
N ASN B 393 17.02 4.28 -38.93
CA ASN B 393 17.15 5.68 -38.54
C ASN B 393 16.60 5.97 -37.14
N GLY B 394 16.27 4.95 -36.36
CA GLY B 394 15.86 5.18 -34.99
C GLY B 394 14.50 5.83 -34.82
N LEU B 395 13.73 5.99 -35.89
CA LEU B 395 12.39 6.57 -35.78
C LEU B 395 11.38 5.50 -35.37
N ILE B 396 10.56 5.81 -34.38
CA ILE B 396 9.46 4.95 -33.95
C ILE B 396 8.13 5.64 -34.30
N GLN B 397 7.05 4.87 -34.24
CA GLN B 397 5.72 5.35 -34.55
C GLN B 397 4.94 5.50 -33.24
N LEU B 398 4.36 6.69 -33.03
CA LEU B 398 3.70 7.02 -31.77
C LEU B 398 2.24 7.35 -32.04
N ARG B 399 1.33 6.65 -31.36
CA ARG B 399 -0.11 6.86 -31.49
C ARG B 399 -0.72 7.14 -30.14
N SER B 400 -1.42 8.26 -30.03
CA SER B 400 -2.09 8.65 -28.81
C SER B 400 -3.42 7.90 -28.67
N ARG B 401 -3.83 7.69 -27.42
CA ARG B 401 -5.10 7.02 -27.10
C ARG B 401 -6.27 7.59 -27.89
N ASP B 402 -7.02 6.71 -28.55
CA ASP B 402 -8.23 7.06 -29.32
C ASP B 402 -7.95 8.14 -30.37
N THR B 403 -6.90 7.93 -31.16
CA THR B 403 -6.64 8.76 -32.34
C THR B 403 -6.21 7.86 -33.50
N THR B 404 -6.22 8.44 -34.69
CA THR B 404 -5.63 7.79 -35.85
C THR B 404 -4.25 8.33 -36.16
N MET B 405 -3.56 8.86 -35.16
CA MET B 405 -2.30 9.53 -35.41
C MET B 405 -1.16 8.53 -35.52
N LYS B 406 -0.20 8.85 -36.39
CA LYS B 406 1.02 8.06 -36.56
C LYS B 406 2.16 9.07 -36.56
N GLU B 407 2.58 9.48 -35.37
CA GLU B 407 3.60 10.52 -35.24
C GLU B 407 4.97 9.87 -35.18
N MET B 408 5.88 10.29 -36.06
CA MET B 408 7.21 9.71 -36.12
C MET B 408 8.15 10.51 -35.21
N MET B 409 8.81 9.82 -34.29
CA MET B 409 9.79 10.49 -33.43
C MET B 409 10.95 9.54 -33.16
N HIS B 410 12.08 10.12 -32.77
CA HIS B 410 13.28 9.32 -32.55
C HIS B 410 13.18 8.59 -31.22
N ILE B 411 13.60 7.33 -31.22
CA ILE B 411 13.42 6.46 -30.05
C ILE B 411 14.15 7.01 -28.84
N SER B 412 15.27 7.72 -29.07
CA SER B 412 16.03 8.30 -27.97
C SER B 412 15.28 9.42 -27.25
N LYS B 413 14.19 9.92 -27.82
CA LYS B 413 13.45 11.04 -27.25
C LYS B 413 12.16 10.61 -26.56
N LEU B 414 11.82 9.33 -26.64
CA LEU B 414 10.56 8.86 -26.11
C LEU B 414 10.50 9.02 -24.58
N ARG B 415 11.58 8.67 -23.88
CA ARG B 415 11.59 8.73 -22.42
C ARG B 415 11.33 10.15 -21.93
N ASP B 416 12.13 11.10 -22.39
CA ASP B 416 11.94 12.50 -21.99
C ASP B 416 10.55 12.99 -22.35
N PHE B 417 10.05 12.62 -23.53
CA PHE B 417 8.69 13.00 -23.90
C PHE B 417 7.69 12.53 -22.87
N LEU B 418 7.75 11.25 -22.49
CA LEU B 418 6.74 10.70 -21.59
C LEU B 418 6.90 11.28 -20.18
N VAL B 419 8.15 11.50 -19.74
CA VAL B 419 8.38 12.05 -18.41
C VAL B 419 7.76 13.45 -18.30
N LYS B 420 7.99 14.30 -19.31
CA LYS B 420 7.40 15.63 -19.27
C LYS B 420 5.89 15.60 -19.50
N TYR B 421 5.40 14.66 -20.30
CA TYR B 421 3.96 14.52 -20.46
C TYR B 421 3.29 14.25 -19.11
N LEU B 422 3.82 13.28 -18.36
CA LEU B 422 3.20 12.91 -17.08
C LEU B 422 3.36 14.02 -16.05
N ALA B 423 4.50 14.69 -16.03
CA ALA B 423 4.66 15.85 -15.16
C ALA B 423 3.64 16.93 -15.49
N SER B 424 3.39 17.14 -16.78
CA SER B 424 2.41 18.15 -17.20
C SER B 424 1.01 17.79 -16.72
N ALA B 425 0.63 16.51 -16.87
CA ALA B 425 -0.67 16.06 -16.40
C ALA B 425 -0.76 16.06 -14.88
N SER B 426 0.36 15.98 -14.18
CA SER B 426 0.33 15.84 -12.73
C SER B 426 0.04 17.17 -12.03
N ASN B 427 0.57 18.27 -12.56
CA ASN B 427 0.36 19.57 -11.93
C ASN B 427 -0.50 20.47 -12.82
N VAL B 428 -1.67 19.97 -13.22
CA VAL B 428 -2.57 20.74 -14.05
C VAL B 428 -3.85 21.06 -13.28
C1 EDO E . 0.65 -3.39 11.22
O1 EDO E . 1.91 -2.74 11.43
C2 EDO E . 0.88 -4.88 11.13
O2 EDO E . 2.05 -5.13 10.33
C1 MPD F . 2.87 0.82 2.96
C2 MPD F . 2.65 -0.43 3.81
O2 MPD F . 3.13 -0.19 5.16
CM MPD F . 3.44 -1.60 3.23
C3 MPD F . 1.16 -0.75 3.88
C4 MPD F . 0.91 -2.13 4.50
O4 MPD F . 0.17 -1.96 5.69
C5 MPD F . 0.17 -3.04 3.53
C1 EDO G . -0.13 -4.71 -2.51
O1 EDO G . -0.70 -5.49 -3.57
C2 EDO G . 0.03 -3.24 -2.91
O2 EDO G . 0.98 -3.09 -3.97
C1 EDO H . 16.03 -19.39 -15.06
O1 EDO H . 16.37 -19.86 -16.38
C2 EDO H . 16.93 -18.21 -14.74
O2 EDO H . 16.74 -17.21 -15.75
C1 EDO I . 8.00 13.77 7.48
O1 EDO I . 8.49 13.20 6.27
C2 EDO I . 7.37 12.68 8.34
O2 EDO I . 8.33 11.64 8.57
C1 EDO J . 0.55 4.67 0.92
O1 EDO J . 0.48 3.23 0.92
C2 EDO J . 1.06 5.12 -0.45
O2 EDO J . 0.15 4.68 -1.46
C1 EDO K . 3.53 -1.02 -3.08
O1 EDO K . 2.53 -1.04 -2.05
C2 EDO K . 4.28 0.30 -3.01
O2 EDO K . 4.76 0.49 -1.68
C1 EDO L . -2.97 -4.03 4.63
O1 EDO L . -3.13 -5.44 4.47
C2 EDO L . -4.20 -3.24 4.15
O2 EDO L . -5.03 -2.86 5.26
C1 EDO M . -7.85 28.21 7.19
O1 EDO M . -7.21 28.41 8.44
C2 EDO M . -7.10 28.97 6.11
O2 EDO M . -5.81 28.37 5.92
C1 EDO N . -18.69 9.97 -18.71
O1 EDO N . -17.88 10.90 -17.96
C2 EDO N . -19.39 9.00 -17.76
O2 EDO N . -20.28 9.72 -16.90
O1 MES O . 18.45 0.75 -32.60
C2 MES O . 18.73 0.54 -33.99
C3 MES O . 19.81 1.48 -34.51
N4 MES O . 19.48 2.83 -34.07
C5 MES O . 19.26 3.03 -32.64
C6 MES O . 18.11 2.10 -32.30
C7 MES O . 20.11 3.91 -34.82
C8 MES O . 19.57 5.20 -34.24
S MES O . 20.47 6.49 -34.79
O1S MES O . 19.64 7.31 -35.71
O2S MES O . 21.65 5.99 -35.52
O3S MES O . 20.89 7.33 -33.64
C1 MPD P . -2.34 -0.57 -2.27
C2 MPD P . -3.48 -0.29 -1.29
O2 MPD P . -2.93 -0.28 0.05
CM MPD P . -4.08 1.08 -1.58
C3 MPD P . -4.59 -1.33 -1.41
C4 MPD P . -4.49 -2.49 -0.42
O4 MPD P . -3.85 -2.09 0.78
C5 MPD P . -5.88 -3.03 -0.08
C1 EDO Q . 17.45 2.11 -25.42
O1 EDO Q . 17.10 1.24 -26.50
C2 EDO Q . 16.72 3.44 -25.57
O2 EDO Q . 17.14 4.09 -26.77
C1 EDO R . -16.30 6.21 4.89
O1 EDO R . -15.24 5.54 4.18
C2 EDO R . -16.97 7.21 3.96
O2 EDO R . -17.63 6.53 2.88
C1 EDO S . 1.55 -2.82 -15.40
O1 EDO S . 1.95 -3.32 -16.67
C2 EDO S . 0.18 -3.37 -15.05
O2 EDO S . 0.23 -4.80 -15.11
C1 EDO T . 3.54 18.15 -23.58
O1 EDO T . 3.64 18.63 -22.24
C2 EDO T . 4.12 16.74 -23.68
O2 EDO T . 5.53 16.75 -23.43
C1 EDO U . -1.32 20.09 -3.88
O1 EDO U . -2.41 20.91 -3.43
C2 EDO U . -1.83 18.67 -4.03
O2 EDO U . -1.92 18.38 -5.44
#